data_4N8Q
#
_entry.id   4N8Q
#
_cell.length_a   79.587
_cell.length_b   90.998
_cell.length_c   120.039
_cell.angle_alpha   90.000
_cell.angle_beta   90.000
_cell.angle_gamma   90.000
#
_symmetry.space_group_name_H-M   'P 21 21 21'
#
loop_
_entity.id
_entity.type
_entity.pdbx_description
1 polymer 'Anthranilate phosphoribosyltransferase'
2 non-polymer '2-amino-4-fluorobenzoic acid'
3 water water
#
_entity_poly.entity_id   1
_entity_poly.type   'polypeptide(L)'
_entity_poly.pdbx_seq_one_letter_code
;MALSAEGSSGGSRGGSPKAEAASVPSWPQILGRLTDNRDLARGQAAWAMDQIMTGNARPAQIAAFAVAMTMKAPTADEVG
ELAGVMLSHAHPLPADTVPDDAVDVVGTGGDGVNTVNLSTMAAIVVAAAGVPVVKHGNRAASSLSGGADTLEALGVRIDL
GPDLVARSLAEVGIGFCFAPRFHPSYRHAAAVRREIGVPTVFNLLGPLTNPARPRAGLIGCAFADLAEVMAGVFAARRSS
VLVVHGDDGLDELTTTTTSTIWRVAAGSVDKLTFDPAGFGFARAQLDQLAGGDAQANAAAVRAVLGGARGPVRDAVVLNA
AGAIVAHAGLSSRAEWLPAWEEGLRRASAAIDTGAAEQLLARWVRFGRQILAHHHHHH
;
_entity_poly.pdbx_strand_id   A,B
#
# COMPACT_ATOMS: atom_id res chain seq x y z
N VAL A 24 11.15 -20.09 -1.86
CA VAL A 24 11.27 -19.55 -0.53
C VAL A 24 10.77 -18.10 -0.48
N PRO A 25 10.58 -17.56 0.69
CA PRO A 25 9.82 -16.34 0.75
C PRO A 25 10.68 -15.10 0.75
N SER A 26 10.12 -14.02 0.23
CA SER A 26 10.79 -12.73 0.21
C SER A 26 9.76 -11.60 0.19
N TRP A 27 10.20 -10.36 0.48
CA TRP A 27 9.31 -9.19 0.36
C TRP A 27 8.80 -8.98 -1.05
N PRO A 28 9.72 -8.98 -2.09
CA PRO A 28 9.22 -8.87 -3.47
C PRO A 28 8.15 -9.90 -3.85
N GLN A 29 8.32 -11.15 -3.43
CA GLN A 29 7.33 -12.17 -3.72
C GLN A 29 5.97 -11.94 -3.02
N ILE A 30 6.03 -11.69 -1.70
CA ILE A 30 4.79 -11.51 -0.92
C ILE A 30 4.04 -10.23 -1.32
N LEU A 31 4.78 -9.13 -1.44
CA LEU A 31 4.22 -7.84 -1.85
C LEU A 31 3.67 -7.84 -3.26
N GLY A 32 4.40 -8.44 -4.21
CA GLY A 32 3.89 -8.60 -5.57
C GLY A 32 2.62 -9.41 -5.64
N ARG A 33 2.52 -10.46 -4.83
CA ARG A 33 1.31 -11.28 -4.79
C ARG A 33 0.09 -10.44 -4.28
N LEU A 34 0.31 -9.69 -3.20
CA LEU A 34 -0.72 -8.79 -2.64
C LEU A 34 -1.13 -7.68 -3.61
N THR A 35 -0.14 -7.01 -4.20
CA THR A 35 -0.49 -5.93 -5.16
C THR A 35 -1.14 -6.46 -6.41
N ASP A 36 -0.94 -7.74 -6.70
CA ASP A 36 -1.67 -8.41 -7.79
C ASP A 36 -3.04 -8.88 -7.32
N ASN A 37 -3.39 -8.53 -6.08
CA ASN A 37 -4.69 -8.90 -5.52
C ASN A 37 -4.91 -10.37 -5.33
N ARG A 38 -3.87 -11.09 -4.96
CA ARG A 38 -4.04 -12.50 -4.71
C ARG A 38 -3.90 -12.78 -3.22
N ASP A 39 -4.70 -13.72 -2.73
CA ASP A 39 -4.50 -14.25 -1.38
C ASP A 39 -3.10 -14.83 -1.27
N LEU A 40 -2.50 -14.73 -0.09
CA LEU A 40 -1.18 -15.29 0.11
C LEU A 40 -1.19 -16.83 0.18
N ALA A 41 -0.04 -17.46 -0.07
CA ALA A 41 0.08 -18.90 0.24
C ALA A 41 0.23 -19.05 1.75
N ARG A 42 -0.29 -20.16 2.24
CA ARG A 42 -0.30 -20.47 3.66
C ARG A 42 1.15 -20.37 4.12
N GLY A 43 1.37 -19.66 5.23
CA GLY A 43 2.71 -19.50 5.79
C GLY A 43 3.37 -18.20 5.38
N GLN A 44 2.91 -17.57 4.30
CA GLN A 44 3.52 -16.30 3.86
C GLN A 44 3.23 -15.13 4.82
N ALA A 45 1.97 -14.98 5.25
CA ALA A 45 1.63 -14.01 6.30
C ALA A 45 2.47 -14.26 7.50
N ALA A 46 2.61 -15.53 7.89
CA ALA A 46 3.40 -15.86 9.09
C ALA A 46 4.85 -15.43 8.95
N TRP A 47 5.45 -15.70 7.79
CA TRP A 47 6.84 -15.29 7.54
C TRP A 47 7.01 -13.77 7.66
N ALA A 48 6.13 -13.02 7.00
CA ALA A 48 6.14 -11.56 7.00
C ALA A 48 6.08 -11.03 8.42
N MET A 49 5.09 -11.53 9.18
CA MET A 49 4.93 -11.13 10.55
C MET A 49 6.13 -11.44 11.42
N ASP A 50 6.72 -12.63 11.24
CA ASP A 50 7.90 -12.96 12.02
C ASP A 50 9.07 -12.06 11.65
N GLN A 51 9.24 -11.75 10.37
CA GLN A 51 10.32 -10.78 10.01
C GLN A 51 10.10 -9.43 10.76
N ILE A 52 8.85 -8.97 10.75
CA ILE A 52 8.44 -7.74 11.45
C ILE A 52 8.72 -7.82 12.94
N MET A 53 8.43 -8.97 13.56
CA MET A 53 8.53 -9.07 15.03
C MET A 53 9.95 -9.33 15.48
N THR A 54 10.84 -9.71 14.58
CA THR A 54 12.21 -9.97 15.01
C THR A 54 13.12 -8.80 14.73
N GLY A 55 12.54 -7.69 14.31
CA GLY A 55 13.33 -6.53 13.94
C GLY A 55 14.07 -6.71 12.63
N ASN A 56 13.62 -7.65 11.81
CA ASN A 56 14.29 -7.90 10.52
C ASN A 56 13.70 -7.15 9.35
N ALA A 57 12.51 -6.59 9.51
CA ALA A 57 11.85 -5.88 8.44
C ALA A 57 12.22 -4.38 8.47
N ARG A 58 12.57 -3.81 7.32
CA ARG A 58 12.72 -2.34 7.18
C ARG A 58 11.39 -1.59 7.33
N PRO A 59 11.42 -0.37 7.89
CA PRO A 59 10.16 0.38 7.94
C PRO A 59 9.37 0.37 6.60
N ALA A 60 10.06 0.57 5.48
CA ALA A 60 9.37 0.60 4.19
C ALA A 60 8.66 -0.72 3.91
N GLN A 61 9.31 -1.83 4.27
CA GLN A 61 8.75 -3.15 4.02
C GLN A 61 7.54 -3.40 4.92
N ILE A 62 7.67 -3.02 6.18
CA ILE A 62 6.53 -3.09 7.11
C ILE A 62 5.33 -2.32 6.57
N ALA A 63 5.56 -1.08 6.14
CA ALA A 63 4.44 -0.23 5.67
C ALA A 63 3.86 -0.78 4.37
N ALA A 64 4.74 -1.20 3.45
CA ALA A 64 4.22 -1.75 2.21
C ALA A 64 3.29 -2.96 2.47
N PHE A 65 3.73 -3.84 3.36
CA PHE A 65 2.96 -5.05 3.69
C PHE A 65 1.62 -4.70 4.39
N ALA A 66 1.68 -3.85 5.41
CA ALA A 66 0.43 -3.40 6.06
C ALA A 66 -0.61 -2.84 5.06
N VAL A 67 -0.14 -2.01 4.16
CA VAL A 67 -1.03 -1.38 3.20
C VAL A 67 -1.55 -2.36 2.18
N ALA A 68 -0.65 -3.14 1.61
CA ALA A 68 -1.05 -4.10 0.59
C ALA A 68 -1.97 -5.19 1.15
N MET A 69 -1.68 -5.67 2.36
CA MET A 69 -2.59 -6.62 3.00
C MET A 69 -4.03 -5.98 3.14
N THR A 70 -4.09 -4.73 3.58
CA THR A 70 -5.39 -4.01 3.75
C THR A 70 -6.15 -3.87 2.44
N MET A 71 -5.44 -3.48 1.39
CA MET A 71 -6.09 -3.22 0.09
C MET A 71 -6.47 -4.45 -0.69
N LYS A 72 -5.77 -5.55 -0.49
CA LYS A 72 -6.17 -6.81 -1.09
C LYS A 72 -7.46 -7.30 -0.37
N ALA A 73 -7.50 -7.12 0.94
CA ALA A 73 -8.63 -7.59 1.83
C ALA A 73 -8.19 -8.91 2.44
N PRO A 74 -7.72 -8.86 3.69
CA PRO A 74 -7.17 -10.04 4.39
C PRO A 74 -8.22 -11.12 4.58
N THR A 75 -7.82 -12.38 4.54
CA THR A 75 -8.75 -13.45 4.86
C THR A 75 -8.52 -13.84 6.33
N ALA A 76 -9.44 -14.64 6.88
CA ALA A 76 -9.32 -15.10 8.26
C ALA A 76 -8.02 -15.93 8.42
N ASP A 77 -7.66 -16.73 7.41
CA ASP A 77 -6.39 -17.49 7.53
C ASP A 77 -5.16 -16.62 7.62
N GLU A 78 -5.10 -15.57 6.83
CA GLU A 78 -3.98 -14.63 6.86
C GLU A 78 -3.93 -13.93 8.21
N VAL A 79 -5.06 -13.40 8.68
CA VAL A 79 -5.12 -12.70 9.98
C VAL A 79 -4.77 -13.63 11.15
N GLY A 80 -5.26 -14.86 11.11
CA GLY A 80 -4.87 -15.84 12.15
C GLY A 80 -3.38 -16.07 12.19
N GLU A 81 -2.74 -16.14 11.03
CA GLU A 81 -1.27 -16.22 10.98
C GLU A 81 -0.58 -15.01 11.59
N LEU A 82 -1.05 -13.82 11.25
CA LEU A 82 -0.48 -12.58 11.84
C LEU A 82 -0.59 -12.54 13.37
N ALA A 83 -1.80 -12.78 13.86
CA ALA A 83 -2.07 -12.77 15.29
C ALA A 83 -1.30 -13.90 15.98
N GLY A 84 -1.32 -15.09 15.40
CA GLY A 84 -0.59 -16.22 16.02
C GLY A 84 0.90 -15.95 16.16
N VAL A 85 1.52 -15.39 15.11
CA VAL A 85 2.93 -15.06 15.23
C VAL A 85 3.13 -13.98 16.30
N MET A 86 2.29 -12.99 16.30
CA MET A 86 2.48 -11.91 17.28
C MET A 86 2.37 -12.44 18.72
N LEU A 87 1.36 -13.26 18.95
CA LEU A 87 1.24 -13.93 20.25
C LEU A 87 2.44 -14.79 20.63
N SER A 88 3.12 -15.39 19.66
CA SER A 88 4.26 -16.25 19.97
C SER A 88 5.41 -15.42 20.58
N HIS A 89 5.40 -14.11 20.33
CA HIS A 89 6.40 -13.22 20.90
C HIS A 89 5.95 -12.50 22.18
N ALA A 90 4.68 -12.62 22.56
CA ALA A 90 4.13 -11.88 23.71
C ALA A 90 4.54 -12.48 25.07
N HIS A 91 4.61 -11.65 26.08
CA HIS A 91 4.75 -12.15 27.45
C HIS A 91 3.44 -12.78 27.86
N PRO A 92 3.48 -14.02 28.37
CA PRO A 92 2.21 -14.57 28.86
C PRO A 92 1.96 -14.09 30.32
N LEU A 93 0.76 -14.29 30.82
CA LEU A 93 0.52 -14.24 32.26
C LEU A 93 1.00 -15.55 32.87
N PRO A 94 1.27 -15.57 34.20
CA PRO A 94 1.79 -16.79 34.80
C PRO A 94 0.78 -17.95 34.73
N ALA A 95 1.32 -19.18 34.62
CA ALA A 95 0.54 -20.43 34.57
C ALA A 95 -0.62 -20.40 35.56
N ASP A 96 -1.82 -20.73 35.07
CA ASP A 96 -3.01 -20.87 35.92
C ASP A 96 -3.54 -19.62 36.63
N THR A 97 -3.25 -18.42 36.13
CA THR A 97 -3.71 -17.19 36.81
C THR A 97 -4.86 -16.52 36.08
N VAL A 98 -5.17 -17.01 34.89
CA VAL A 98 -6.29 -16.47 34.14
C VAL A 98 -7.47 -17.41 34.32
N PRO A 99 -8.57 -16.94 34.94
CA PRO A 99 -9.71 -17.86 35.05
C PRO A 99 -10.10 -18.37 33.69
N ASP A 100 -10.48 -19.63 33.67
CA ASP A 100 -10.89 -20.30 32.44
C ASP A 100 -12.02 -19.54 31.71
N ASP A 101 -12.78 -18.75 32.43
CA ASP A 101 -13.96 -18.10 31.84
C ASP A 101 -13.81 -16.58 31.74
N ALA A 102 -12.57 -16.09 31.71
CA ALA A 102 -12.31 -14.67 31.55
C ALA A 102 -12.83 -14.16 30.19
N VAL A 103 -13.28 -12.90 30.13
CA VAL A 103 -13.76 -12.31 28.90
C VAL A 103 -13.01 -11.01 28.57
N ASP A 104 -13.00 -10.71 27.28
CA ASP A 104 -12.52 -9.43 26.80
C ASP A 104 -13.74 -8.59 26.35
N VAL A 105 -13.62 -7.27 26.45
CA VAL A 105 -14.61 -6.34 25.97
C VAL A 105 -13.81 -5.24 25.29
N VAL A 106 -13.94 -5.14 23.97
CA VAL A 106 -13.17 -4.14 23.25
C VAL A 106 -13.65 -3.92 21.80
N GLY A 107 -13.38 -2.73 21.28
CA GLY A 107 -13.54 -2.42 19.85
C GLY A 107 -12.24 -2.25 19.08
N THR A 108 -12.32 -2.23 17.75
CA THR A 108 -11.14 -2.01 16.93
C THR A 108 -10.95 -0.54 16.53
N GLY A 109 -11.91 0.31 16.88
CA GLY A 109 -11.85 1.75 16.53
C GLY A 109 -12.65 2.12 15.31
N GLY A 110 -13.08 3.37 15.23
CA GLY A 110 -13.84 3.83 14.06
C GLY A 110 -12.97 4.70 13.16
N ASP A 111 -13.60 5.27 12.15
CA ASP A 111 -12.97 6.34 11.36
C ASP A 111 -13.88 7.57 11.38
N GLY A 112 -13.43 8.68 11.98
CA GLY A 112 -12.23 8.74 12.83
C GLY A 112 -12.75 8.98 14.24
N VAL A 113 -13.65 8.08 14.66
CA VAL A 113 -14.42 8.18 15.90
C VAL A 113 -14.00 6.98 16.76
N ASN A 114 -14.55 6.86 17.97
CA ASN A 114 -14.45 5.59 18.72
C ASN A 114 -15.34 5.47 19.95
N THR A 115 -15.28 4.29 20.57
CA THR A 115 -16.22 3.91 21.62
C THR A 115 -15.50 3.36 22.86
N VAL A 116 -14.28 3.83 23.08
CA VAL A 116 -13.52 3.43 24.27
C VAL A 116 -14.29 3.82 25.52
N ASN A 117 -15.05 4.92 25.46
CA ASN A 117 -16.00 5.23 26.51
C ASN A 117 -16.85 3.99 26.79
N LEU A 118 -17.54 3.47 25.78
CA LEU A 118 -18.46 2.35 25.98
C LEU A 118 -17.77 1.07 26.42
N SER A 119 -16.61 0.77 25.83
CA SER A 119 -15.87 -0.45 26.13
C SER A 119 -15.33 -0.50 27.53
N THR A 120 -14.77 0.62 27.98
CA THR A 120 -14.21 0.72 29.30
C THR A 120 -15.30 0.52 30.37
N MET A 121 -16.43 1.18 30.16
CA MET A 121 -17.53 1.15 31.08
C MET A 121 -18.19 -0.21 31.09
N ALA A 122 -18.40 -0.80 29.91
CA ALA A 122 -19.00 -2.13 29.83
C ALA A 122 -18.10 -3.15 30.53
N ALA A 123 -16.78 -3.00 30.40
CA ALA A 123 -15.85 -3.93 31.02
C ALA A 123 -15.94 -3.86 32.55
N ILE A 124 -16.11 -2.65 33.08
CA ILE A 124 -16.22 -2.51 34.54
C ILE A 124 -17.55 -3.14 35.00
N VAL A 125 -18.61 -2.87 34.27
CA VAL A 125 -19.94 -3.39 34.60
C VAL A 125 -19.95 -4.95 34.54
N VAL A 126 -19.28 -5.53 33.54
CA VAL A 126 -19.25 -6.98 33.39
C VAL A 126 -18.50 -7.62 34.56
N ALA A 127 -17.38 -7.04 34.92
CA ALA A 127 -16.58 -7.49 36.04
C ALA A 127 -17.41 -7.43 37.35
N ALA A 128 -18.21 -6.38 37.49
CA ALA A 128 -19.07 -6.15 38.66
C ALA A 128 -20.26 -7.12 38.71
N ALA A 129 -20.64 -7.65 37.56
CA ALA A 129 -21.64 -8.71 37.46
C ALA A 129 -21.05 -10.07 37.86
N GLY A 130 -19.75 -10.15 38.10
CA GLY A 130 -19.16 -11.38 38.59
C GLY A 130 -18.43 -12.16 37.50
N VAL A 131 -18.26 -11.58 36.31
CA VAL A 131 -17.52 -12.24 35.21
C VAL A 131 -16.09 -11.70 35.14
N PRO A 132 -15.05 -12.58 35.20
CA PRO A 132 -13.68 -12.05 35.16
C PRO A 132 -13.39 -11.37 33.84
N VAL A 133 -12.71 -10.21 33.86
CA VAL A 133 -12.45 -9.43 32.65
C VAL A 133 -10.96 -9.20 32.51
N VAL A 134 -10.42 -9.42 31.31
CA VAL A 134 -9.04 -9.04 31.09
C VAL A 134 -8.95 -8.27 29.79
N LYS A 135 -8.60 -6.99 29.93
CA LYS A 135 -8.53 -6.06 28.80
C LYS A 135 -7.07 -5.96 28.39
N HIS A 136 -6.89 -5.38 27.21
CA HIS A 136 -5.60 -5.28 26.58
C HIS A 136 -5.69 -3.96 25.80
N GLY A 137 -4.66 -3.13 25.86
CA GLY A 137 -4.67 -1.88 25.10
C GLY A 137 -3.41 -1.02 25.22
N ASN A 138 -3.48 0.15 24.60
CA ASN A 138 -2.38 1.11 24.55
C ASN A 138 -2.96 2.53 24.75
N ARG A 139 -2.11 3.47 25.13
CA ARG A 139 -2.47 4.90 25.05
C ARG A 139 -2.43 5.28 23.59
N ALA A 140 -3.42 6.01 23.10
CA ALA A 140 -3.29 6.60 21.76
C ALA A 140 -2.48 7.87 21.72
N ALA A 141 -2.64 8.70 22.76
CA ALA A 141 -1.92 9.95 22.86
C ALA A 141 -2.73 11.01 23.59
N SER A 143 -4.89 11.91 21.00
CA SER A 143 -5.82 12.53 21.93
C SER A 143 -7.07 11.66 22.11
N LEU A 144 -8.03 11.83 21.21
CA LEU A 144 -9.26 11.08 21.27
C LEU A 144 -9.06 9.68 20.65
N SER A 145 -8.33 8.87 21.20
CA SER A 145 -8.30 7.49 20.72
C SER A 145 -7.72 6.55 21.77
N GLY A 146 -8.15 6.72 23.02
CA GLY A 146 -7.67 5.88 24.12
C GLY A 146 -8.46 6.14 25.40
N GLY A 147 -8.61 5.12 26.25
CA GLY A 147 -8.16 3.73 26.05
C GLY A 147 -7.64 3.23 27.40
N ALA A 148 -6.34 2.94 27.41
CA ALA A 148 -5.54 2.98 28.60
C ALA A 148 -5.57 4.40 29.21
N ASP A 149 -5.79 5.40 28.37
CA ASP A 149 -5.86 6.81 28.77
C ASP A 149 -7.08 7.07 29.64
N THR A 150 -8.19 6.46 29.28
CA THR A 150 -9.42 6.63 30.04
C THR A 150 -9.23 6.02 31.43
N LEU A 151 -8.63 4.83 31.48
CA LEU A 151 -8.43 4.09 32.73
C LEU A 151 -7.47 4.86 33.59
N GLU A 152 -6.39 5.33 32.95
CA GLU A 152 -5.45 6.20 33.61
C GLU A 152 -6.14 7.45 34.20
N ALA A 153 -7.03 8.07 33.43
CA ALA A 153 -7.77 9.25 33.90
C ALA A 153 -8.72 8.91 35.08
N LEU A 154 -9.05 7.63 35.24
CA LEU A 154 -9.84 7.15 36.39
C LEU A 154 -8.99 6.78 37.62
N GLY A 155 -7.67 6.90 37.49
CA GLY A 155 -6.77 6.57 38.59
C GLY A 155 -6.33 5.11 38.60
N VAL A 156 -6.68 4.36 37.56
CA VAL A 156 -6.21 2.96 37.45
C VAL A 156 -4.75 2.94 37.00
N ARG A 157 -3.97 2.06 37.63
CA ARG A 157 -2.58 1.80 37.30
C ARG A 157 -2.45 0.90 36.06
N ILE A 158 -2.26 1.48 34.87
CA ILE A 158 -2.25 0.66 33.62
C ILE A 158 -0.98 -0.20 33.35
N ASP A 159 0.17 0.30 33.77
CA ASP A 159 1.47 -0.28 33.50
CA ASP A 159 1.42 -0.37 33.44
C ASP A 159 1.92 -1.38 34.48
N LEU A 160 1.38 -2.58 34.36
CA LEU A 160 1.72 -3.66 35.28
C LEU A 160 2.25 -4.87 34.59
N GLY A 161 3.29 -5.45 35.20
CA GLY A 161 3.89 -6.71 34.79
C GLY A 161 2.92 -7.88 34.94
N PRO A 162 3.23 -9.00 34.29
CA PRO A 162 2.30 -10.10 34.26
C PRO A 162 1.84 -10.58 35.65
N ASP A 163 2.74 -10.56 36.64
CA ASP A 163 2.42 -11.10 37.96
C ASP A 163 1.39 -10.23 38.68
N LEU A 164 1.41 -8.93 38.38
CA LEU A 164 0.51 -8.00 39.04
C LEU A 164 -0.86 -7.93 38.36
N VAL A 165 -0.88 -8.16 37.05
CA VAL A 165 -2.16 -8.27 36.34
C VAL A 165 -2.89 -9.51 36.85
N ALA A 166 -2.16 -10.59 37.05
CA ALA A 166 -2.70 -11.82 37.64
C ALA A 166 -3.34 -11.59 39.03
N ARG A 167 -2.61 -10.91 39.89
CA ARG A 167 -3.11 -10.54 41.21
C ARG A 167 -4.33 -9.64 41.07
N SER A 168 -4.29 -8.72 40.11
CA SER A 168 -5.43 -7.84 39.87
C SER A 168 -6.67 -8.66 39.52
N LEU A 169 -6.53 -9.63 38.61
CA LEU A 169 -7.63 -10.54 38.32
C LEU A 169 -8.20 -11.27 39.53
N ALA A 170 -7.32 -11.78 40.38
CA ALA A 170 -7.70 -12.56 41.57
C ALA A 170 -8.35 -11.68 42.65
N GLU A 171 -7.76 -10.53 42.95
CA GLU A 171 -8.26 -9.71 44.03
C GLU A 171 -9.37 -8.73 43.57
N VAL A 172 -9.35 -8.24 42.34
CA VAL A 172 -10.38 -7.30 41.91
C VAL A 172 -11.37 -7.90 40.91
N GLY A 173 -10.99 -9.00 40.23
CA GLY A 173 -11.85 -9.61 39.20
C GLY A 173 -11.72 -8.91 37.84
N ILE A 174 -10.77 -8.01 37.71
CA ILE A 174 -10.48 -7.39 36.41
C ILE A 174 -9.00 -7.04 36.32
N GLY A 175 -8.51 -6.87 35.09
CA GLY A 175 -7.12 -6.54 34.89
C GLY A 175 -6.92 -5.97 33.49
N PHE A 176 -5.78 -5.33 33.29
CA PHE A 176 -5.46 -4.66 32.06
C PHE A 176 -4.02 -5.01 31.71
N CYS A 177 -3.84 -5.54 30.50
CA CYS A 177 -2.55 -5.82 29.90
C CYS A 177 -2.15 -4.64 29.00
N PHE A 178 -1.14 -3.89 29.42
CA PHE A 178 -0.70 -2.71 28.68
C PHE A 178 0.18 -3.19 27.53
N ALA A 179 -0.27 -2.99 26.29
CA ALA A 179 0.37 -3.58 25.08
C ALA A 179 1.87 -3.38 24.93
N PRO A 180 2.38 -2.13 25.11
CA PRO A 180 3.83 -2.01 25.00
C PRO A 180 4.56 -2.85 26.02
N ARG A 181 3.93 -3.15 27.15
CA ARG A 181 4.56 -4.04 28.13
C ARG A 181 4.54 -5.54 27.74
N PHE A 182 3.45 -6.04 27.18
CA PHE A 182 3.33 -7.45 26.87
C PHE A 182 3.83 -7.85 25.49
N HIS A 183 3.96 -6.87 24.61
CA HIS A 183 4.29 -7.04 23.21
C HIS A 183 5.50 -6.19 22.85
N PRO A 184 6.64 -6.33 23.59
CA PRO A 184 7.76 -5.44 23.34
C PRO A 184 8.32 -5.55 21.89
N SER A 185 8.20 -6.73 21.29
CA SER A 185 8.72 -6.98 19.92
C SER A 185 7.87 -6.39 18.81
N TYR A 186 6.70 -5.92 19.17
CA TYR A 186 5.83 -5.21 18.25
C TYR A 186 6.25 -3.75 17.99
N ARG A 187 7.27 -3.28 18.71
CA ARG A 187 7.67 -1.88 18.66
C ARG A 187 8.01 -1.37 17.24
N HIS A 188 8.58 -2.22 16.36
CA HIS A 188 8.90 -1.76 15.00
C HIS A 188 7.65 -1.52 14.17
N ALA A 189 6.66 -2.39 14.31
CA ALA A 189 5.36 -2.19 13.66
C ALA A 189 4.61 -0.98 14.25
N ALA A 190 4.66 -0.79 15.57
CA ALA A 190 3.96 0.33 16.18
C ALA A 190 4.52 1.65 15.65
N ALA A 191 5.84 1.76 15.52
CA ALA A 191 6.47 2.96 14.98
C ALA A 191 6.04 3.24 13.55
N VAL A 192 5.92 2.21 12.72
CA VAL A 192 5.43 2.43 11.37
C VAL A 192 3.97 2.85 11.38
N ARG A 193 3.14 2.17 12.17
CA ARG A 193 1.70 2.50 12.23
C ARG A 193 1.50 3.97 12.60
N ARG A 194 2.36 4.46 13.51
CA ARG A 194 2.44 5.85 13.89
C ARG A 194 2.87 6.74 12.74
N GLU A 195 3.98 6.39 12.08
CA GLU A 195 4.46 7.17 10.93
C GLU A 195 3.41 7.38 9.84
N ILE A 196 2.55 6.40 9.59
CA ILE A 196 1.62 6.48 8.45
C ILE A 196 0.17 6.82 8.79
N GLY A 197 -0.20 6.58 10.06
CA GLY A 197 -1.52 6.93 10.60
C GLY A 197 -2.69 6.11 10.08
N VAL A 198 -2.70 5.84 8.79
CA VAL A 198 -3.85 5.17 8.18
C VAL A 198 -4.15 3.81 8.86
N PRO A 199 -5.45 3.51 9.05
CA PRO A 199 -5.86 2.21 9.58
C PRO A 199 -5.46 1.09 8.61
N THR A 200 -4.94 -0.01 9.15
CA THR A 200 -4.63 -1.18 8.32
C THR A 200 -5.11 -2.46 8.98
N VAL A 201 -4.82 -3.58 8.33
CA VAL A 201 -5.03 -4.90 8.89
C VAL A 201 -4.46 -4.98 10.30
N PHE A 202 -3.39 -4.25 10.59
CA PHE A 202 -2.82 -4.26 11.92
C PHE A 202 -3.79 -3.79 13.03
N ASN A 203 -4.77 -2.97 12.66
CA ASN A 203 -5.76 -2.47 13.62
C ASN A 203 -6.71 -3.59 14.11
N LEU A 204 -6.72 -4.74 13.42
CA LEU A 204 -7.56 -5.89 13.79
C LEU A 204 -6.90 -6.79 14.83
N LEU A 205 -5.61 -6.57 15.09
CA LEU A 205 -4.83 -7.53 15.88
C LEU A 205 -4.97 -7.38 17.38
N GLY A 206 -5.27 -6.17 17.85
CA GLY A 206 -5.58 -5.93 19.28
C GLY A 206 -6.46 -6.94 20.00
N PRO A 207 -7.72 -7.10 19.55
CA PRO A 207 -8.64 -8.14 20.05
C PRO A 207 -8.15 -9.57 19.93
N LEU A 208 -7.27 -9.82 18.94
CA LEU A 208 -6.83 -11.18 18.64
C LEU A 208 -5.53 -11.51 19.29
N THR A 209 -4.92 -10.54 19.96
CA THR A 209 -3.62 -10.81 20.57
C THR A 209 -3.58 -10.41 22.06
N ASN A 210 -4.73 -10.44 22.71
CA ASN A 210 -4.80 -10.22 24.16
C ASN A 210 -3.93 -11.26 24.82
N PRO A 211 -2.87 -10.82 25.53
CA PRO A 211 -1.85 -11.78 26.01
C PRO A 211 -2.35 -12.76 27.08
N ALA A 212 -3.49 -12.45 27.67
CA ALA A 212 -4.08 -13.33 28.65
C ALA A 212 -4.91 -14.40 27.96
N ARG A 213 -5.12 -14.28 26.64
CA ARG A 213 -5.84 -15.26 25.83
C ARG A 213 -7.23 -15.64 26.36
N PRO A 214 -8.06 -14.64 26.72
CA PRO A 214 -9.40 -15.00 27.21
C PRO A 214 -10.18 -15.70 26.09
N ARG A 215 -11.02 -16.68 26.44
CA ARG A 215 -11.70 -17.49 25.43
C ARG A 215 -13.06 -16.95 25.07
N ALA A 216 -13.45 -15.86 25.71
CA ALA A 216 -14.75 -15.27 25.49
C ALA A 216 -14.60 -13.76 25.37
N GLY A 217 -15.55 -13.12 24.73
CA GLY A 217 -15.39 -11.71 24.45
C GLY A 217 -16.57 -11.09 23.73
N LEU A 218 -16.70 -9.78 23.90
CA LEU A 218 -17.53 -8.98 23.03
C LEU A 218 -16.51 -8.10 22.31
N ILE A 219 -16.48 -8.20 20.97
CA ILE A 219 -15.41 -7.55 20.18
C ILE A 219 -16.06 -6.70 19.12
N GLY A 220 -15.88 -5.40 19.20
CA GLY A 220 -16.55 -4.51 18.22
C GLY A 220 -15.69 -4.24 17.00
N CYS A 221 -16.33 -4.08 15.85
CA CYS A 221 -15.61 -3.74 14.60
C CYS A 221 -16.43 -2.75 13.75
N ALA A 222 -15.77 -1.69 13.31
CA ALA A 222 -16.42 -0.61 12.53
C ALA A 222 -16.80 -1.02 11.11
N PHE A 223 -16.24 -2.12 10.62
CA PHE A 223 -16.39 -2.51 9.23
C PHE A 223 -16.86 -3.94 9.08
N ALA A 224 -18.01 -4.09 8.42
CA ALA A 224 -18.72 -5.37 8.39
C ALA A 224 -17.93 -6.49 7.71
N ASP A 225 -17.23 -6.15 6.62
CA ASP A 225 -16.35 -7.11 5.94
C ASP A 225 -15.23 -7.62 6.86
N LEU A 226 -14.59 -6.72 7.61
CA LEU A 226 -13.51 -7.16 8.51
C LEU A 226 -14.05 -7.89 9.76
N ALA A 227 -15.24 -7.55 10.17
CA ALA A 227 -15.88 -8.20 11.30
C ALA A 227 -16.04 -9.71 11.01
N GLU A 228 -16.45 -10.06 9.79
CA GLU A 228 -16.65 -11.45 9.46
C GLU A 228 -15.31 -12.18 9.51
N VAL A 229 -14.28 -11.51 9.00
CA VAL A 229 -12.93 -12.01 9.02
C VAL A 229 -12.51 -12.31 10.47
N MET A 230 -12.70 -11.33 11.36
CA MET A 230 -12.42 -11.55 12.80
C MET A 230 -13.22 -12.69 13.42
N ALA A 231 -14.51 -12.78 13.10
CA ALA A 231 -15.30 -13.91 13.53
C ALA A 231 -14.62 -15.21 13.12
N GLY A 232 -14.11 -15.28 11.88
CA GLY A 232 -13.50 -16.55 11.44
C GLY A 232 -12.22 -16.87 12.17
N VAL A 233 -11.44 -15.88 12.56
CA VAL A 233 -10.26 -16.11 13.41
C VAL A 233 -10.66 -16.69 14.78
N PHE A 234 -11.69 -16.13 15.38
CA PHE A 234 -12.10 -16.54 16.73
C PHE A 234 -12.68 -17.94 16.65
N ALA A 235 -13.36 -18.24 15.56
CA ALA A 235 -13.90 -19.60 15.31
C ALA A 235 -12.84 -20.70 15.22
N ALA A 236 -11.67 -20.39 14.70
CA ALA A 236 -10.60 -21.37 14.73
C ALA A 236 -10.09 -21.63 16.14
N ARG A 237 -10.42 -20.75 17.09
CA ARG A 237 -9.88 -20.91 18.44
C ARG A 237 -10.82 -21.59 19.39
N ARG A 238 -12.04 -21.82 18.95
CA ARG A 238 -13.04 -22.29 19.90
C ARG A 238 -13.17 -21.30 21.06
N SER A 239 -13.43 -20.07 20.70
CA SER A 239 -13.77 -19.09 21.67
C SER A 239 -15.29 -19.11 21.70
N SER A 240 -15.89 -18.41 22.67
CA SER A 240 -17.30 -18.07 22.61
C SER A 240 -17.32 -16.55 22.57
N VAL A 241 -17.61 -15.99 21.40
CA VAL A 241 -17.40 -14.56 21.19
C VAL A 241 -18.60 -14.03 20.42
N LEU A 242 -18.96 -12.77 20.69
CA LEU A 242 -19.83 -12.03 19.79
C LEU A 242 -18.96 -10.96 19.11
N VAL A 243 -18.88 -11.03 17.78
CA VAL A 243 -18.23 -10.00 16.99
C VAL A 243 -19.40 -9.10 16.57
N VAL A 244 -19.27 -7.82 16.84
CA VAL A 244 -20.40 -6.96 16.70
C VAL A 244 -20.06 -5.73 15.86
N HIS A 245 -21.07 -5.33 15.09
CA HIS A 245 -20.98 -4.14 14.23
C HIS A 245 -22.35 -3.47 14.16
N GLY A 246 -22.43 -2.24 14.64
CA GLY A 246 -23.68 -1.46 14.55
C GLY A 246 -23.92 -1.16 13.08
N ASP A 247 -25.15 -1.26 12.62
CA ASP A 247 -25.44 -1.06 11.19
C ASP A 247 -25.45 0.43 10.80
N ASP A 248 -25.09 1.26 11.77
CA ASP A 248 -24.74 2.66 11.61
C ASP A 248 -23.22 2.85 11.55
N GLY A 249 -22.46 1.75 11.61
CA GLY A 249 -21.00 1.87 11.54
C GLY A 249 -20.30 1.88 12.89
N LEU A 250 -21.04 1.93 13.99
CA LEU A 250 -20.42 1.86 15.34
C LEU A 250 -19.67 0.54 15.57
N ASP A 251 -18.48 0.61 16.18
CA ASP A 251 -17.72 -0.60 16.54
C ASP A 251 -18.15 -1.21 17.90
N GLU A 252 -19.47 -1.37 18.10
CA GLU A 252 -20.06 -1.89 19.35
C GLU A 252 -21.50 -2.16 18.98
N LEU A 253 -22.27 -2.78 19.87
CA LEU A 253 -23.73 -2.87 19.66
C LEU A 253 -24.27 -1.45 19.82
N THR A 254 -25.08 -1.02 18.85
CA THR A 254 -25.55 0.36 18.83
C THR A 254 -26.99 0.39 19.33
N THR A 255 -27.43 1.55 19.77
CA THR A 255 -28.86 1.74 20.07
C THR A 255 -29.59 2.63 19.03
N THR A 256 -28.87 3.10 18.01
CA THR A 256 -29.45 3.98 17.00
C THR A 256 -30.16 3.22 15.87
N THR A 257 -29.95 1.91 15.84
CA THR A 257 -30.53 1.05 14.82
C THR A 257 -30.09 -0.40 15.09
N THR A 258 -30.24 -1.28 14.11
CA THR A 258 -29.81 -2.67 14.25
C THR A 258 -28.28 -2.81 14.27
N SER A 259 -27.80 -4.02 14.59
CA SER A 259 -26.41 -4.34 14.52
C SER A 259 -26.33 -5.72 13.90
N THR A 260 -25.19 -6.02 13.29
CA THR A 260 -24.95 -7.38 12.88
C THR A 260 -24.08 -8.04 13.93
N ILE A 261 -24.42 -9.26 14.26
CA ILE A 261 -23.62 -10.04 15.19
C ILE A 261 -23.21 -11.32 14.52
N TRP A 262 -21.93 -11.62 14.67
CA TRP A 262 -21.36 -12.88 14.29
C TRP A 262 -21.17 -13.62 15.60
N ARG A 263 -22.06 -14.56 15.86
CA ARG A 263 -21.95 -15.29 17.12
C ARG A 263 -21.00 -16.47 16.83
N VAL A 264 -20.00 -16.63 17.69
CA VAL A 264 -18.97 -17.63 17.42
C VAL A 264 -18.89 -18.57 18.61
N ALA A 265 -19.01 -19.87 18.34
CA ALA A 265 -18.89 -20.89 19.37
C ALA A 265 -18.65 -22.24 18.73
N ALA A 266 -17.89 -23.09 19.44
CA ALA A 266 -17.67 -24.46 19.01
C ALA A 266 -17.18 -24.56 17.54
N GLY A 267 -16.25 -23.67 17.18
CA GLY A 267 -15.67 -23.64 15.85
C GLY A 267 -16.57 -23.17 14.70
N SER A 268 -17.77 -22.69 15.00
CA SER A 268 -18.58 -22.12 13.92
C SER A 268 -19.15 -20.72 14.20
N VAL A 269 -19.76 -20.14 13.17
CA VAL A 269 -20.19 -18.75 13.16
C VAL A 269 -21.69 -18.73 12.83
N ASP A 270 -22.46 -17.90 13.53
CA ASP A 270 -23.92 -17.78 13.29
C ASP A 270 -24.10 -16.30 13.14
N LYS A 271 -24.23 -15.84 11.90
CA LYS A 271 -24.44 -14.42 11.59
C LYS A 271 -25.94 -14.06 11.64
N LEU A 272 -26.26 -12.95 12.31
CA LEU A 272 -27.67 -12.57 12.57
C LEU A 272 -27.78 -11.08 12.68
N THR A 273 -28.99 -10.58 12.47
CA THR A 273 -29.32 -9.17 12.67
C THR A 273 -29.97 -8.99 14.06
N PHE A 274 -29.45 -8.06 14.84
CA PHE A 274 -29.84 -7.89 16.22
C PHE A 274 -30.58 -6.58 16.34
N ASP A 275 -31.74 -6.59 17.00
CA ASP A 275 -32.43 -5.32 17.23
C ASP A 275 -32.80 -5.11 18.70
N PRO A 276 -32.14 -4.13 19.37
CA PRO A 276 -32.34 -3.91 20.80
C PRO A 276 -33.74 -3.37 21.14
N ALA A 277 -34.42 -2.74 20.16
CA ALA A 277 -35.81 -2.34 20.36
C ALA A 277 -36.61 -3.54 20.88
N GLY A 278 -36.23 -4.76 20.47
CA GLY A 278 -36.91 -5.97 20.98
C GLY A 278 -36.81 -6.21 22.51
N PHE A 279 -35.88 -5.50 23.15
CA PHE A 279 -35.68 -5.58 24.60
C PHE A 279 -36.13 -4.27 25.24
N GLY A 280 -36.78 -3.43 24.42
CA GLY A 280 -37.37 -2.17 24.88
C GLY A 280 -36.39 -1.01 24.97
N PHE A 281 -35.32 -1.05 24.19
CA PHE A 281 -34.40 0.08 24.17
C PHE A 281 -34.94 1.13 23.20
N ALA A 282 -34.98 2.38 23.65
CA ALA A 282 -35.39 3.50 22.79
C ALA A 282 -34.30 3.72 21.71
N ARG A 283 -34.69 4.19 20.52
CA ARG A 283 -33.70 4.55 19.48
C ARG A 283 -32.94 5.81 19.88
N ALA A 284 -31.61 5.77 19.84
CA ALA A 284 -30.78 6.95 20.11
C ALA A 284 -30.34 7.62 18.79
N GLN A 285 -29.71 8.78 18.91
CA GLN A 285 -29.07 9.50 17.78
C GLN A 285 -27.58 9.21 17.82
N LEU A 286 -26.93 9.19 16.66
CA LEU A 286 -25.47 9.01 16.64
C LEU A 286 -24.73 10.15 17.38
N ASP A 287 -25.40 11.29 17.52
CA ASP A 287 -24.83 12.47 18.18
C ASP A 287 -24.56 12.25 19.68
N GLN A 288 -24.98 11.10 20.20
CA GLN A 288 -25.10 10.92 21.65
C GLN A 288 -24.06 9.99 22.31
N LEU A 289 -23.64 8.97 21.58
CA LEU A 289 -22.78 7.91 22.11
C LEU A 289 -21.28 8.18 21.98
N ALA A 290 -20.81 9.29 22.54
CA ALA A 290 -19.37 9.66 22.56
C ALA A 290 -18.49 8.84 21.64
N GLY A 291 -17.27 8.49 22.05
CA GLY A 291 -16.54 9.07 23.16
C GLY A 291 -15.61 10.15 22.62
N GLY A 292 -14.75 10.67 23.50
CA GLY A 292 -13.81 11.73 23.17
C GLY A 292 -12.47 11.50 23.83
N ASP A 293 -11.93 12.53 24.49
CA ASP A 293 -10.61 12.42 25.08
C ASP A 293 -10.67 11.66 26.42
N ALA A 294 -9.50 11.32 26.95
CA ALA A 294 -9.36 10.68 28.27
C ALA A 294 -10.29 11.30 29.32
N GLN A 295 -10.35 12.64 29.37
CA GLN A 295 -11.09 13.37 30.42
C GLN A 295 -12.60 13.31 30.24
N ALA A 296 -13.04 13.57 29.01
CA ALA A 296 -14.45 13.46 28.67
C ALA A 296 -14.94 12.06 28.98
N ASN A 297 -14.12 11.08 28.62
CA ASN A 297 -14.41 9.68 28.86
C ASN A 297 -14.49 9.37 30.36
N ALA A 298 -13.54 9.90 31.13
CA ALA A 298 -13.52 9.68 32.59
C ALA A 298 -14.79 10.19 33.27
N ALA A 299 -15.23 11.38 32.88
CA ALA A 299 -16.43 12.01 33.48
C ALA A 299 -17.68 11.25 33.14
N ALA A 300 -17.73 10.76 31.89
CA ALA A 300 -18.85 9.97 31.42
C ALA A 300 -18.96 8.67 32.24
N VAL A 301 -17.82 8.03 32.53
CA VAL A 301 -17.70 6.83 33.38
C VAL A 301 -18.26 7.05 34.79
N ARG A 302 -17.82 8.15 35.44
N ARG A 302 -17.85 8.15 35.45
CA ARG A 302 -18.30 8.57 36.76
CA ARG A 302 -18.36 8.43 36.81
C ARG A 302 -19.82 8.71 36.79
C ARG A 302 -19.85 8.74 36.84
N ALA A 303 -20.36 9.46 35.84
CA ALA A 303 -21.80 9.69 35.75
C ALA A 303 -22.61 8.38 35.61
N VAL A 304 -22.20 7.53 34.65
CA VAL A 304 -22.94 6.29 34.32
C VAL A 304 -22.89 5.33 35.49
N LEU A 305 -21.70 5.13 36.06
CA LEU A 305 -21.57 4.24 37.19
C LEU A 305 -22.27 4.79 38.44
N GLY A 306 -22.61 6.08 38.40
CA GLY A 306 -23.30 6.74 39.52
C GLY A 306 -24.79 6.63 39.34
N GLY A 307 -25.24 6.12 38.20
CA GLY A 307 -26.67 5.91 37.94
C GLY A 307 -27.29 6.88 36.96
N ALA A 308 -26.52 7.68 36.24
CA ALA A 308 -27.13 8.65 35.31
C ALA A 308 -27.77 7.93 34.13
N ARG A 309 -29.03 8.24 33.84
CA ARG A 309 -29.78 7.52 32.81
C ARG A 309 -29.54 8.20 31.46
N GLY A 310 -29.97 7.58 30.37
CA GLY A 310 -29.74 8.15 29.03
C GLY A 310 -29.09 7.23 28.02
N PRO A 311 -28.85 7.74 26.80
CA PRO A 311 -28.32 6.92 25.69
C PRO A 311 -27.02 6.14 26.04
N VAL A 312 -26.08 6.81 26.71
CA VAL A 312 -24.81 6.20 27.07
C VAL A 312 -24.98 4.96 27.96
N ARG A 313 -25.77 5.09 29.04
CA ARG A 313 -26.05 3.99 29.94
C ARG A 313 -26.61 2.82 29.14
N ASP A 314 -27.59 3.12 28.28
CA ASP A 314 -28.24 2.12 27.47
C ASP A 314 -27.23 1.32 26.63
N ALA A 315 -26.31 2.03 25.97
CA ALA A 315 -25.32 1.38 25.12
C ALA A 315 -24.38 0.52 25.97
N VAL A 316 -24.01 1.05 27.13
CA VAL A 316 -23.13 0.35 28.05
C VAL A 316 -23.80 -0.95 28.51
N VAL A 317 -25.08 -0.87 28.94
CA VAL A 317 -25.82 -2.04 29.42
C VAL A 317 -25.96 -3.12 28.31
N LEU A 318 -26.36 -2.66 27.13
CA LEU A 318 -26.45 -3.51 25.95
C LEU A 318 -25.12 -4.23 25.66
N ASN A 319 -24.01 -3.52 25.71
CA ASN A 319 -22.73 -4.13 25.41
C ASN A 319 -22.23 -5.04 26.56
N ALA A 320 -22.43 -4.62 27.81
CA ALA A 320 -22.03 -5.49 28.93
C ALA A 320 -22.84 -6.78 28.86
N ALA A 321 -24.11 -6.67 28.50
CA ALA A 321 -24.98 -7.85 28.39
C ALA A 321 -24.48 -8.81 27.32
N GLY A 322 -24.00 -8.28 26.19
CA GLY A 322 -23.43 -9.13 25.12
C GLY A 322 -22.18 -9.86 25.58
N ALA A 323 -21.31 -9.17 26.32
CA ALA A 323 -20.17 -9.83 26.96
C ALA A 323 -20.60 -10.90 27.92
N ILE A 324 -21.68 -10.65 28.65
CA ILE A 324 -22.19 -11.67 29.59
C ILE A 324 -22.71 -12.90 28.85
N VAL A 325 -23.41 -12.65 27.76
CA VAL A 325 -23.87 -13.72 26.83
C VAL A 325 -22.72 -14.55 26.27
N ALA A 326 -21.68 -13.87 25.78
CA ALA A 326 -20.51 -14.59 25.26
C ALA A 326 -19.90 -15.45 26.35
N HIS A 327 -19.75 -14.89 27.55
CA HIS A 327 -19.32 -15.68 28.73
C HIS A 327 -20.19 -16.90 28.96
N ALA A 328 -21.51 -16.71 28.97
CA ALA A 328 -22.46 -17.81 29.13
C ALA A 328 -22.23 -18.93 28.09
N GLY A 329 -21.79 -18.52 26.89
CA GLY A 329 -21.44 -19.44 25.82
C GLY A 329 -20.35 -20.46 26.15
N LEU A 330 -19.52 -20.13 27.12
CA LEU A 330 -18.49 -21.02 27.56
C LEU A 330 -19.03 -22.28 28.22
N SER A 331 -19.88 -22.12 29.23
CA SER A 331 -20.55 -23.24 29.88
C SER A 331 -22.02 -23.01 29.56
N SER A 332 -22.46 -23.66 28.48
CA SER A 332 -23.53 -23.12 27.70
C SER A 332 -24.86 -23.77 27.95
N ARG A 333 -25.49 -23.51 29.07
CA ARG A 333 -26.82 -24.04 29.22
C ARG A 333 -27.71 -23.13 28.42
N ALA A 334 -27.67 -21.84 28.71
CA ALA A 334 -28.71 -20.91 28.24
C ALA A 334 -28.80 -20.75 26.72
N GLU A 335 -30.02 -20.73 26.23
CA GLU A 335 -30.29 -20.35 24.87
C GLU A 335 -30.15 -18.85 24.71
N TRP A 336 -30.02 -18.41 23.46
CA TRP A 336 -29.80 -17.03 23.05
C TRP A 336 -30.66 -16.01 23.78
N LEU A 337 -31.98 -16.12 23.65
CA LEU A 337 -32.85 -15.08 24.17
C LEU A 337 -32.89 -15.05 25.71
N PRO A 338 -33.09 -16.22 26.36
CA PRO A 338 -33.03 -16.13 27.84
C PRO A 338 -31.63 -15.65 28.32
N ALA A 339 -30.58 -15.98 27.57
CA ALA A 339 -29.23 -15.49 27.91
C ALA A 339 -29.14 -13.96 27.83
N TRP A 340 -29.76 -13.38 26.81
CA TRP A 340 -29.77 -11.92 26.67
C TRP A 340 -30.57 -11.22 27.79
N GLU A 341 -31.74 -11.80 28.11
CA GLU A 341 -32.59 -11.35 29.21
C GLU A 341 -31.82 -11.38 30.52
N GLU A 342 -31.11 -12.46 30.79
CA GLU A 342 -30.28 -12.55 31.99
C GLU A 342 -29.14 -11.57 31.97
N GLY A 343 -28.43 -11.46 30.85
CA GLY A 343 -27.29 -10.50 30.75
C GLY A 343 -27.72 -9.04 30.99
N LEU A 344 -28.87 -8.68 30.41
CA LEU A 344 -29.41 -7.33 30.56
C LEU A 344 -29.77 -7.03 32.04
N ARG A 345 -30.37 -8.00 32.72
N ARG A 345 -30.36 -8.01 32.71
CA ARG A 345 -30.73 -7.82 34.13
CA ARG A 345 -30.74 -7.88 34.12
C ARG A 345 -29.46 -7.76 34.99
C ARG A 345 -29.48 -7.78 34.98
N ARG A 346 -28.49 -8.63 34.70
CA ARG A 346 -27.22 -8.60 35.44
C ARG A 346 -26.43 -7.31 35.22
N ALA A 347 -26.44 -6.78 33.99
CA ALA A 347 -25.71 -5.54 33.70
C ALA A 347 -26.36 -4.34 34.38
N SER A 348 -27.66 -4.18 34.19
CA SER A 348 -28.43 -3.13 34.88
C SER A 348 -28.29 -3.21 36.39
N ALA A 349 -28.37 -4.41 36.98
CA ALA A 349 -28.19 -4.55 38.43
C ALA A 349 -26.77 -4.18 38.88
N ALA A 350 -25.75 -4.49 38.07
CA ALA A 350 -24.37 -4.18 38.47
C ALA A 350 -24.18 -2.65 38.64
N ILE A 351 -24.83 -1.89 37.78
CA ILE A 351 -24.79 -0.44 37.87
C ILE A 351 -25.69 0.06 39.06
N ASP A 352 -26.98 -0.26 39.01
CA ASP A 352 -27.98 0.19 39.98
C ASP A 352 -27.71 -0.13 41.47
N THR A 353 -27.06 -1.27 41.74
CA THR A 353 -26.78 -1.66 43.12
C THR A 353 -25.44 -1.08 43.53
N GLY A 354 -24.80 -0.31 42.64
CA GLY A 354 -23.52 0.32 42.95
C GLY A 354 -22.32 -0.60 42.89
N ALA A 355 -22.53 -1.87 42.52
CA ALA A 355 -21.42 -2.83 42.38
C ALA A 355 -20.33 -2.37 41.37
N ALA A 356 -20.75 -1.81 40.23
CA ALA A 356 -19.83 -1.28 39.21
C ALA A 356 -19.00 -0.16 39.78
N GLU A 357 -19.68 0.82 40.38
CA GLU A 357 -18.95 1.90 41.03
C GLU A 357 -18.01 1.39 42.08
N GLN A 358 -18.47 0.46 42.93
CA GLN A 358 -17.58 -0.08 43.97
C GLN A 358 -16.40 -0.83 43.37
N LEU A 359 -16.63 -1.53 42.26
CA LEU A 359 -15.54 -2.31 41.70
C LEU A 359 -14.45 -1.37 41.15
N LEU A 360 -14.86 -0.31 40.49
CA LEU A 360 -13.93 0.66 39.99
C LEU A 360 -13.11 1.18 41.16
N ALA A 361 -13.77 1.63 42.24
CA ALA A 361 -13.02 2.08 43.44
C ALA A 361 -12.01 1.04 43.93
N ARG A 362 -12.43 -0.23 43.98
CA ARG A 362 -11.55 -1.32 44.46
C ARG A 362 -10.34 -1.49 43.56
N TRP A 363 -10.57 -1.33 42.26
CA TRP A 363 -9.50 -1.44 41.27
C TRP A 363 -8.47 -0.33 41.46
N VAL A 364 -8.95 0.90 41.56
CA VAL A 364 -8.09 2.04 41.94
C VAL A 364 -7.30 1.75 43.22
N ARG A 365 -7.96 1.21 44.26
CA ARG A 365 -7.29 0.91 45.54
C ARG A 365 -6.15 -0.09 45.37
N PHE A 366 -6.43 -1.18 44.64
CA PHE A 366 -5.45 -2.21 44.35
C PHE A 366 -4.17 -1.56 43.76
N GLY A 367 -4.34 -0.64 42.83
CA GLY A 367 -3.18 -0.02 42.18
C GLY A 367 -2.37 0.89 43.08
N ARG A 368 -3.04 1.60 43.98
CA ARG A 368 -2.36 2.43 44.99
C ARG A 368 -1.63 1.54 45.96
N GLN A 369 -2.26 0.44 46.36
CA GLN A 369 -1.66 -0.50 47.33
C GLN A 369 -0.47 -1.35 46.86
N ILE A 370 -0.03 -1.18 45.62
CA ILE A 370 1.14 -1.92 45.17
C ILE A 370 2.27 -0.99 44.69
N VAL B 24 -6.26 20.83 4.49
CA VAL B 24 -4.77 20.77 4.67
C VAL B 24 -4.28 19.30 4.51
N PRO B 25 -3.32 19.07 3.59
CA PRO B 25 -2.93 17.67 3.28
C PRO B 25 -2.06 16.99 4.37
N SER B 26 -2.28 15.69 4.57
CA SER B 26 -1.53 14.88 5.51
C SER B 26 -1.40 13.47 4.94
N TRP B 27 -0.42 12.72 5.43
CA TRP B 27 -0.34 11.28 5.10
C TRP B 27 -1.60 10.51 5.49
N PRO B 28 -2.08 10.65 6.76
CA PRO B 28 -3.34 9.96 7.12
C PRO B 28 -4.45 10.18 6.15
N GLN B 29 -4.62 11.44 5.76
CA GLN B 29 -5.74 11.81 4.93
C GLN B 29 -5.55 11.25 3.53
N ILE B 30 -4.35 11.40 2.96
CA ILE B 30 -4.09 10.92 1.59
C ILE B 30 -4.10 9.39 1.51
N LEU B 31 -3.46 8.73 2.45
CA LEU B 31 -3.43 7.25 2.47
C LEU B 31 -4.80 6.68 2.77
N GLY B 32 -5.57 7.37 3.62
CA GLY B 32 -6.90 6.93 4.00
C GLY B 32 -7.75 6.89 2.75
N ARG B 33 -7.61 7.91 1.92
CA ARG B 33 -8.42 8.03 0.73
C ARG B 33 -8.08 6.91 -0.30
N LEU B 34 -6.79 6.63 -0.45
CA LEU B 34 -6.32 5.55 -1.38
C LEU B 34 -6.77 4.18 -0.90
N THR B 35 -6.56 3.89 0.39
CA THR B 35 -6.99 2.58 0.96
C THR B 35 -8.50 2.39 0.88
N ASP B 36 -9.24 3.47 0.71
CA ASP B 36 -10.70 3.43 0.55
C ASP B 36 -11.04 3.32 -0.92
N ASN B 37 -9.99 3.25 -1.75
CA ASN B 37 -10.14 3.07 -3.20
C ASN B 37 -10.76 4.28 -3.90
N ARG B 38 -10.42 5.47 -3.40
CA ARG B 38 -10.91 6.73 -3.95
C ARG B 38 -9.78 7.45 -4.69
N ASP B 39 -10.09 8.05 -5.83
CA ASP B 39 -9.17 9.04 -6.44
C ASP B 39 -8.84 10.16 -5.49
N LEU B 40 -7.63 10.69 -5.59
CA LEU B 40 -7.21 11.79 -4.76
C LEU B 40 -7.94 13.12 -5.10
N ALA B 41 -7.95 14.06 -4.15
CA ALA B 41 -8.32 15.42 -4.50
C ALA B 41 -7.15 16.02 -5.26
N ARG B 42 -7.43 16.98 -6.13
CA ARG B 42 -6.41 17.75 -6.84
C ARG B 42 -5.39 18.22 -5.83
N GLY B 43 -4.10 18.21 -6.21
CA GLY B 43 -3.05 18.72 -5.32
C GLY B 43 -2.49 17.70 -4.33
N GLN B 44 -3.23 16.62 -4.07
CA GLN B 44 -2.79 15.66 -3.04
C GLN B 44 -1.60 14.84 -3.50
N ALA B 45 -1.68 14.33 -4.71
CA ALA B 45 -0.50 13.69 -5.31
C ALA B 45 0.70 14.64 -5.32
N ALA B 46 0.48 15.89 -5.70
CA ALA B 46 1.59 16.85 -5.76
C ALA B 46 2.21 17.07 -4.41
N TRP B 47 1.36 17.20 -3.38
CA TRP B 47 1.87 17.44 -2.02
C TRP B 47 2.77 16.26 -1.58
N ALA B 48 2.24 15.05 -1.75
CA ALA B 48 2.99 13.82 -1.45
C ALA B 48 4.35 13.77 -2.19
N MET B 49 4.33 14.00 -3.50
CA MET B 49 5.57 14.09 -4.25
C MET B 49 6.52 15.14 -3.70
N ASP B 50 6.02 16.33 -3.38
CA ASP B 50 6.95 17.34 -2.80
C ASP B 50 7.59 16.94 -1.46
N GLN B 51 6.82 16.28 -0.58
CA GLN B 51 7.38 15.73 0.67
C GLN B 51 8.49 14.71 0.35
N ILE B 52 8.21 13.78 -0.57
CA ILE B 52 9.19 12.79 -1.04
C ILE B 52 10.44 13.43 -1.60
N MET B 53 10.28 14.43 -2.46
CA MET B 53 11.43 15.08 -3.11
C MET B 53 12.29 15.93 -2.16
N THR B 54 11.67 16.45 -1.09
CA THR B 54 12.41 17.33 -0.16
C THR B 54 13.12 16.62 0.99
N GLY B 55 13.01 15.28 1.04
CA GLY B 55 13.54 14.53 2.15
C GLY B 55 12.66 14.64 3.37
N ASN B 56 11.38 14.94 3.20
CA ASN B 56 10.52 15.14 4.34
C ASN B 56 9.65 13.94 4.59
N ALA B 57 9.57 13.03 3.63
CA ALA B 57 8.73 11.86 3.81
C ALA B 57 9.60 10.71 4.36
N ARG B 58 9.18 10.10 5.47
CA ARG B 58 9.86 8.91 6.04
C ARG B 58 9.79 7.73 5.06
N PRO B 59 10.78 6.80 5.08
CA PRO B 59 10.69 5.63 4.21
C PRO B 59 9.35 4.90 4.25
N ALA B 60 8.75 4.77 5.45
CA ALA B 60 7.45 4.10 5.58
C ALA B 60 6.33 4.87 4.89
N GLN B 61 6.41 6.21 4.92
CA GLN B 61 5.37 7.01 4.27
C GLN B 61 5.49 6.92 2.75
N ILE B 62 6.73 6.96 2.27
CA ILE B 62 7.00 6.81 0.84
C ILE B 62 6.44 5.46 0.38
N ALA B 63 6.79 4.41 1.13
CA ALA B 63 6.37 3.05 0.80
C ALA B 63 4.86 2.88 0.84
N ALA B 64 4.21 3.43 1.87
CA ALA B 64 2.72 3.32 1.94
C ALA B 64 2.04 3.95 0.74
N PHE B 65 2.52 5.17 0.40
CA PHE B 65 1.95 5.93 -0.73
C PHE B 65 2.17 5.23 -2.07
N ALA B 66 3.42 4.80 -2.30
CA ALA B 66 3.75 4.05 -3.53
C ALA B 66 2.82 2.84 -3.69
N VAL B 67 2.71 2.02 -2.64
CA VAL B 67 1.85 0.84 -2.72
C VAL B 67 0.35 1.20 -2.85
N ALA B 68 -0.12 2.12 -2.03
CA ALA B 68 -1.55 2.45 -2.11
C ALA B 68 -1.95 3.01 -3.48
N MET B 69 -1.08 3.86 -4.05
CA MET B 69 -1.37 4.48 -5.37
C MET B 69 -1.47 3.41 -6.45
N THR B 70 -0.65 2.37 -6.31
CA THR B 70 -0.59 1.30 -7.29
C THR B 70 -1.87 0.45 -7.25
N MET B 71 -2.26 0.07 -6.03
CA MET B 71 -3.48 -0.76 -5.83
C MET B 71 -4.76 0.01 -6.08
N LYS B 72 -4.80 1.31 -5.76
CA LYS B 72 -5.97 2.08 -6.20
C LYS B 72 -6.02 2.15 -7.74
N ALA B 73 -4.87 2.36 -8.35
CA ALA B 73 -4.81 2.50 -9.83
C ALA B 73 -4.85 3.98 -10.09
N PRO B 74 -3.69 4.52 -10.40
CA PRO B 74 -3.52 5.94 -10.55
C PRO B 74 -4.30 6.46 -11.76
N THR B 75 -4.71 7.72 -11.70
CA THR B 75 -5.27 8.38 -12.88
C THR B 75 -4.20 9.20 -13.56
N ALA B 76 -4.47 9.59 -14.80
CA ALA B 76 -3.56 10.42 -15.55
C ALA B 76 -3.28 11.72 -14.81
N ASP B 77 -4.32 12.29 -14.20
CA ASP B 77 -4.13 13.56 -13.44
C ASP B 77 -3.19 13.39 -12.24
N GLU B 78 -3.26 12.23 -11.59
CA GLU B 78 -2.41 12.01 -10.42
C GLU B 78 -0.95 11.79 -10.88
N VAL B 79 -0.77 11.00 -11.93
CA VAL B 79 0.58 10.77 -12.45
C VAL B 79 1.18 12.08 -12.94
N GLY B 80 0.38 12.95 -13.54
CA GLY B 80 0.88 14.23 -14.00
C GLY B 80 1.38 15.08 -12.87
N GLU B 81 0.70 15.01 -11.73
CA GLU B 81 1.13 15.73 -10.56
C GLU B 81 2.48 15.17 -10.09
N LEU B 82 2.57 13.85 -9.96
CA LEU B 82 3.84 13.24 -9.54
C LEU B 82 4.98 13.63 -10.49
N ALA B 83 4.77 13.51 -11.79
CA ALA B 83 5.86 13.80 -12.73
C ALA B 83 6.22 15.28 -12.74
N GLY B 84 5.20 16.14 -12.70
CA GLY B 84 5.42 17.60 -12.74
C GLY B 84 6.19 18.08 -11.53
N VAL B 85 5.82 17.61 -10.32
CA VAL B 85 6.64 17.95 -9.16
C VAL B 85 8.08 17.44 -9.25
N MET B 86 8.24 16.22 -9.76
CA MET B 86 9.57 15.63 -9.81
C MET B 86 10.44 16.40 -10.83
N LEU B 87 9.85 16.67 -12.01
CA LEU B 87 10.50 17.56 -12.99
C LEU B 87 10.94 18.89 -12.39
N SER B 88 10.11 19.46 -11.50
CA SER B 88 10.42 20.77 -10.92
C SER B 88 11.69 20.71 -10.05
N HIS B 89 12.02 19.52 -9.56
CA HIS B 89 13.28 19.35 -8.81
C HIS B 89 14.47 18.93 -9.65
N ALA B 90 14.29 18.72 -10.95
CA ALA B 90 15.35 18.17 -11.79
C ALA B 90 16.24 19.28 -12.37
N HIS B 91 17.50 18.96 -12.66
CA HIS B 91 18.35 19.84 -13.46
C HIS B 91 17.85 19.87 -14.89
N PRO B 92 17.61 21.08 -15.44
CA PRO B 92 17.18 21.13 -16.84
C PRO B 92 18.43 21.10 -17.73
N LEU B 93 18.22 20.91 -19.03
CA LEU B 93 19.25 21.14 -20.03
C LEU B 93 19.27 22.64 -20.30
N PRO B 94 20.44 23.23 -20.68
CA PRO B 94 20.47 24.68 -20.94
C PRO B 94 19.44 25.12 -22.00
N ALA B 95 19.06 26.40 -21.97
CA ALA B 95 17.94 26.89 -22.77
C ALA B 95 18.27 26.90 -24.25
N ASP B 96 17.29 26.52 -25.07
CA ASP B 96 17.47 26.46 -26.53
C ASP B 96 18.55 25.46 -27.00
N THR B 97 18.78 24.41 -26.22
CA THR B 97 19.78 23.39 -26.56
C THR B 97 19.16 22.06 -26.96
N VAL B 98 17.87 21.91 -26.72
CA VAL B 98 17.19 20.72 -27.18
C VAL B 98 16.41 21.10 -28.42
N PRO B 99 16.61 20.34 -29.54
CA PRO B 99 15.82 20.60 -30.76
C PRO B 99 14.34 20.35 -30.44
N ASP B 100 13.47 21.13 -31.06
CA ASP B 100 12.01 21.11 -30.80
C ASP B 100 11.37 19.78 -31.12
N ASP B 101 12.08 18.95 -31.89
CA ASP B 101 11.51 17.72 -32.40
C ASP B 101 12.32 16.51 -31.92
N ALA B 102 12.98 16.60 -30.77
CA ALA B 102 13.70 15.44 -30.21
C ALA B 102 12.69 14.37 -29.78
N VAL B 103 13.09 13.11 -29.81
CA VAL B 103 12.24 12.01 -29.37
C VAL B 103 12.93 11.18 -28.28
N ASP B 104 12.16 10.48 -27.47
CA ASP B 104 12.70 9.52 -26.51
C ASP B 104 12.35 8.13 -27.07
N VAL B 105 13.17 7.12 -26.81
CA VAL B 105 12.87 5.73 -27.13
C VAL B 105 13.16 4.92 -25.87
N VAL B 106 12.13 4.35 -25.27
CA VAL B 106 12.39 3.68 -23.99
C VAL B 106 11.34 2.61 -23.66
N GLY B 107 11.70 1.65 -22.82
CA GLY B 107 10.73 0.77 -22.11
C GLY B 107 10.70 0.95 -20.58
N THR B 108 9.54 0.72 -19.94
CA THR B 108 9.42 0.82 -18.45
C THR B 108 9.16 -0.54 -17.80
N GLY B 109 10.02 -0.89 -16.84
CA GLY B 109 9.95 -2.18 -16.13
C GLY B 109 9.87 -3.43 -17.00
N GLY B 110 9.26 -4.50 -16.46
CA GLY B 110 9.06 -5.76 -17.19
C GLY B 110 9.54 -6.96 -16.42
N THR B 115 16.59 -10.49 -21.81
CA THR B 115 16.30 -9.99 -23.16
C THR B 115 17.10 -8.74 -23.54
N VAL B 116 17.82 -8.85 -24.67
CA VAL B 116 18.72 -7.81 -25.14
C VAL B 116 18.03 -6.43 -25.32
N ASN B 117 18.75 -5.32 -25.12
CA ASN B 117 18.08 -4.02 -25.08
C ASN B 117 17.82 -3.44 -26.44
N LEU B 118 16.65 -3.78 -26.94
CA LEU B 118 16.17 -3.29 -28.21
C LEU B 118 16.07 -1.79 -28.21
N SER B 119 15.75 -1.19 -27.06
CA SER B 119 15.50 0.25 -27.07
C SER B 119 16.80 1.05 -27.22
N THR B 120 17.92 0.49 -26.76
CA THR B 120 19.22 1.11 -26.91
C THR B 120 19.59 1.13 -28.39
N MET B 121 19.38 0.00 -29.05
CA MET B 121 19.67 -0.16 -30.48
C MET B 121 18.75 0.69 -31.37
N ALA B 122 17.47 0.70 -31.04
CA ALA B 122 16.49 1.49 -31.78
C ALA B 122 16.79 3.00 -31.66
N ALA B 123 17.20 3.45 -30.47
CA ALA B 123 17.58 4.86 -30.24
C ALA B 123 18.72 5.28 -31.19
N ILE B 124 19.78 4.49 -31.23
CA ILE B 124 20.90 4.74 -32.15
C ILE B 124 20.43 4.77 -33.63
N VAL B 125 19.58 3.82 -34.01
CA VAL B 125 19.08 3.72 -35.38
C VAL B 125 18.23 4.97 -35.74
N VAL B 126 17.37 5.37 -34.80
CA VAL B 126 16.53 6.52 -34.95
C VAL B 126 17.36 7.78 -35.09
N ALA B 127 18.43 7.90 -34.30
CA ALA B 127 19.28 9.09 -34.40
C ALA B 127 19.99 9.12 -35.74
N ALA B 128 20.48 7.98 -36.18
CA ALA B 128 21.11 7.82 -37.51
C ALA B 128 20.19 8.13 -38.70
N ALA B 129 18.89 7.92 -38.52
CA ALA B 129 17.90 8.35 -39.50
C ALA B 129 17.62 9.88 -39.49
N GLY B 130 18.39 10.63 -38.71
CA GLY B 130 18.28 12.10 -38.68
C GLY B 130 17.31 12.69 -37.66
N VAL B 131 16.81 11.85 -36.74
CA VAL B 131 15.86 12.32 -35.71
C VAL B 131 16.61 12.46 -34.38
N PRO B 132 16.66 13.67 -33.76
CA PRO B 132 17.48 13.76 -32.54
C PRO B 132 16.85 12.92 -31.42
N VAL B 133 17.69 12.16 -30.72
CA VAL B 133 17.21 11.30 -29.66
C VAL B 133 17.80 11.75 -28.32
N VAL B 134 16.96 11.91 -27.31
CA VAL B 134 17.48 12.10 -25.97
C VAL B 134 16.88 11.04 -25.02
N LYS B 135 17.76 10.16 -24.56
CA LYS B 135 17.42 9.10 -23.63
C LYS B 135 17.66 9.52 -22.19
N HIS B 136 17.19 8.68 -21.29
CA HIS B 136 17.10 8.98 -19.88
C HIS B 136 17.08 7.65 -19.15
N GLY B 137 17.98 7.46 -18.19
CA GLY B 137 17.93 6.18 -17.48
C GLY B 137 18.96 6.03 -16.40
N ASN B 138 18.95 4.85 -15.80
CA ASN B 138 19.87 4.45 -14.75
C ASN B 138 20.50 3.12 -15.14
N ARG B 139 21.45 2.65 -14.32
CA ARG B 139 21.90 1.25 -14.35
C ARG B 139 20.74 0.26 -14.07
N ALA B 140 21.04 -1.03 -14.29
CA ALA B 140 20.01 -2.08 -14.33
C ALA B 140 19.37 -2.36 -12.96
N ALA B 141 18.07 -2.68 -13.00
CA ALA B 141 17.26 -3.09 -11.83
C ALA B 141 17.03 -2.03 -10.74
N SER B 142 17.55 -0.82 -10.96
CA SER B 142 17.34 0.31 -10.07
C SER B 142 16.20 1.20 -10.59
N SER B 143 15.87 2.27 -9.91
CA SER B 143 14.97 3.22 -10.54
C SER B 143 15.75 4.01 -11.59
N LEU B 144 15.24 4.04 -12.82
CA LEU B 144 14.12 3.20 -13.24
C LEU B 144 14.41 2.53 -14.59
N SER B 145 13.89 3.13 -15.66
CA SER B 145 14.05 2.69 -17.04
C SER B 145 15.40 2.39 -17.66
N GLY B 146 16.49 2.77 -17.07
CA GLY B 146 17.71 2.42 -17.75
C GLY B 146 18.36 2.24 -19.09
N GLY B 147 19.29 1.30 -19.13
CA GLY B 147 20.02 0.98 -20.33
C GLY B 147 21.42 1.52 -20.31
N ALA B 148 21.73 2.18 -19.23
CA ALA B 148 23.03 2.76 -19.03
C ALA B 148 24.17 1.73 -19.10
N ASP B 149 23.97 0.51 -18.58
CA ASP B 149 25.08 -0.49 -18.51
C ASP B 149 25.57 -0.88 -19.91
N THR B 150 24.60 -1.09 -20.79
CA THR B 150 24.83 -1.48 -22.18
C THR B 150 25.62 -0.39 -22.90
N LEU B 151 25.13 0.85 -22.81
CA LEU B 151 25.84 1.99 -23.39
C LEU B 151 27.26 2.05 -22.86
N GLU B 152 27.41 1.80 -21.57
CA GLU B 152 28.73 1.82 -20.96
C GLU B 152 29.64 0.74 -21.53
N ALA B 153 29.05 -0.43 -21.73
CA ALA B 153 29.79 -1.58 -22.25
C ALA B 153 30.32 -1.27 -23.65
N LEU B 154 29.66 -0.35 -24.38
CA LEU B 154 30.01 0.06 -25.73
C LEU B 154 31.03 1.18 -25.75
N GLY B 155 31.36 1.73 -24.58
CA GLY B 155 32.33 2.84 -24.50
C GLY B 155 31.70 4.24 -24.49
N VAL B 156 30.37 4.28 -24.43
CA VAL B 156 29.66 5.56 -24.31
C VAL B 156 29.80 6.12 -22.88
N ARG B 157 30.10 7.40 -22.77
CA ARG B 157 30.20 8.00 -21.43
C ARG B 157 28.82 8.48 -21.03
N ILE B 158 28.30 7.84 -20.00
CA ILE B 158 26.91 7.98 -19.60
C ILE B 158 26.65 9.11 -18.62
N ASP B 159 27.67 9.36 -17.79
N ASP B 159 27.49 9.29 -17.59
CA ASP B 159 27.72 10.28 -16.65
CA ASP B 159 27.18 10.28 -16.55
C ASP B 159 27.94 11.74 -17.01
C ASP B 159 27.74 11.66 -16.87
N LEU B 160 27.07 12.34 -17.79
CA LEU B 160 27.41 13.71 -18.18
C LEU B 160 26.42 14.74 -17.62
N GLY B 161 26.92 15.94 -17.36
CA GLY B 161 26.04 17.02 -16.92
C GLY B 161 25.31 17.64 -18.09
N PRO B 162 24.33 18.54 -17.80
CA PRO B 162 23.42 19.10 -18.80
C PRO B 162 24.11 19.74 -20.02
N ASP B 163 25.18 20.49 -19.79
CA ASP B 163 25.94 21.11 -20.89
C ASP B 163 26.52 20.10 -21.91
N LEU B 164 27.02 18.98 -21.42
CA LEU B 164 27.65 17.98 -22.30
C LEU B 164 26.59 17.12 -23.00
N VAL B 165 25.46 16.89 -22.33
CA VAL B 165 24.33 16.24 -23.01
C VAL B 165 23.83 17.11 -24.16
N ALA B 166 23.59 18.39 -23.89
CA ALA B 166 23.19 19.31 -24.93
C ALA B 166 24.21 19.31 -26.06
N ARG B 167 25.49 19.41 -25.74
CA ARG B 167 26.54 19.34 -26.77
C ARG B 167 26.52 18.00 -27.56
N SER B 168 26.35 16.87 -26.86
CA SER B 168 26.26 15.55 -27.54
C SER B 168 25.10 15.58 -28.53
N LEU B 169 23.97 16.10 -28.05
CA LEU B 169 22.77 16.23 -28.85
C LEU B 169 23.01 17.05 -30.13
N ALA B 170 23.69 18.18 -29.99
CA ALA B 170 23.98 19.08 -31.12
C ALA B 170 25.01 18.51 -32.08
N GLU B 171 26.05 17.84 -31.54
CA GLU B 171 27.17 17.39 -32.36
C GLU B 171 27.05 15.95 -32.87
N VAL B 172 26.38 15.09 -32.12
CA VAL B 172 26.25 13.69 -32.47
C VAL B 172 24.82 13.34 -32.93
N GLY B 173 23.81 14.01 -32.37
CA GLY B 173 22.43 13.71 -32.73
C GLY B 173 21.73 12.84 -31.70
N ILE B 174 22.46 12.52 -30.64
CA ILE B 174 21.91 11.74 -29.57
C ILE B 174 22.52 12.19 -28.25
N GLY B 175 21.75 12.06 -27.17
CA GLY B 175 22.31 12.28 -25.88
C GLY B 175 21.70 11.37 -24.85
N PHE B 176 22.35 11.25 -23.69
CA PHE B 176 21.84 10.42 -22.62
C PHE B 176 21.86 11.18 -21.25
N CYS B 177 20.68 11.31 -20.65
CA CYS B 177 20.52 11.84 -19.27
C CYS B 177 20.55 10.76 -18.18
N PHE B 178 21.63 10.75 -17.41
CA PHE B 178 21.81 9.79 -16.33
C PHE B 178 20.94 10.22 -15.16
N ALA B 179 19.95 9.39 -14.82
CA ALA B 179 18.93 9.78 -13.85
C ALA B 179 19.47 10.32 -12.52
N PRO B 180 20.39 9.58 -11.88
CA PRO B 180 20.92 10.06 -10.58
C PRO B 180 21.63 11.38 -10.66
N ARG B 181 22.16 11.71 -11.83
CA ARG B 181 22.76 12.99 -12.02
C ARG B 181 21.70 14.08 -12.21
N PHE B 182 20.62 13.77 -12.92
CA PHE B 182 19.63 14.79 -13.23
C PHE B 182 18.54 14.93 -12.18
N HIS B 183 18.31 13.87 -11.43
CA HIS B 183 17.26 13.81 -10.44
C HIS B 183 17.89 13.49 -9.10
N PRO B 184 18.80 14.34 -8.58
CA PRO B 184 19.44 13.91 -7.30
C PRO B 184 18.45 13.85 -6.09
N SER B 185 17.39 14.64 -6.11
CA SER B 185 16.38 14.61 -5.06
C SER B 185 15.47 13.38 -5.03
N TYR B 186 15.52 12.52 -6.06
CA TYR B 186 14.72 11.29 -6.04
C TYR B 186 15.36 10.15 -5.21
N ARG B 187 16.53 10.42 -4.62
CA ARG B 187 17.28 9.42 -3.90
C ARG B 187 16.48 8.76 -2.76
N HIS B 188 15.64 9.54 -2.09
CA HIS B 188 14.80 9.01 -1.00
C HIS B 188 13.79 8.00 -1.50
N ALA B 189 13.13 8.31 -2.61
CA ALA B 189 12.22 7.38 -3.21
C ALA B 189 12.99 6.16 -3.77
N ALA B 190 14.14 6.40 -4.39
CA ALA B 190 14.92 5.32 -5.02
C ALA B 190 15.29 4.25 -4.00
N ALA B 191 15.79 4.69 -2.85
CA ALA B 191 16.13 3.81 -1.73
C ALA B 191 14.94 3.01 -1.22
N VAL B 192 13.74 3.58 -1.24
CA VAL B 192 12.57 2.82 -0.82
C VAL B 192 12.19 1.76 -1.84
N ARG B 193 12.23 2.13 -3.11
CA ARG B 193 11.89 1.23 -4.21
C ARG B 193 12.76 -0.04 -4.15
N ARG B 194 14.02 0.12 -3.75
CA ARG B 194 14.96 -0.97 -3.58
C ARG B 194 14.62 -1.88 -2.39
N GLU B 195 14.24 -1.26 -1.27
CA GLU B 195 13.80 -2.02 -0.09
C GLU B 195 12.57 -2.89 -0.35
N ILE B 196 11.62 -2.41 -1.16
CA ILE B 196 10.38 -3.15 -1.34
C ILE B 196 10.32 -3.98 -2.61
N GLY B 197 11.07 -3.55 -3.63
CA GLY B 197 11.36 -4.36 -4.83
C GLY B 197 10.16 -4.86 -5.61
N VAL B 198 8.99 -4.27 -5.36
CA VAL B 198 7.78 -4.63 -6.11
C VAL B 198 7.55 -3.48 -7.06
N PRO B 199 7.01 -3.72 -8.25
CA PRO B 199 6.68 -2.59 -9.15
C PRO B 199 5.56 -1.66 -8.64
N THR B 200 5.74 -0.34 -8.79
CA THR B 200 4.72 0.59 -8.37
C THR B 200 4.46 1.69 -9.41
N VAL B 201 3.52 2.59 -9.06
CA VAL B 201 3.29 3.81 -9.83
C VAL B 201 4.62 4.48 -10.17
N PHE B 202 5.59 4.42 -9.27
CA PHE B 202 6.86 5.13 -9.50
C PHE B 202 7.59 4.60 -10.76
N ASN B 203 7.26 3.37 -11.15
CA ASN B 203 7.75 2.78 -12.38
C ASN B 203 7.33 3.52 -13.65
N LEU B 204 6.28 4.32 -13.60
CA LEU B 204 5.86 5.10 -14.77
C LEU B 204 6.60 6.38 -14.88
N LEU B 205 7.38 6.74 -13.87
CA LEU B 205 7.91 8.09 -13.86
C LEU B 205 9.05 8.37 -14.86
N GLY B 206 9.94 7.39 -15.09
CA GLY B 206 11.08 7.57 -15.99
C GLY B 206 10.70 8.24 -17.31
N PRO B 207 9.78 7.64 -18.09
CA PRO B 207 9.41 8.30 -19.38
C PRO B 207 8.76 9.68 -19.25
N LEU B 208 8.15 9.99 -18.11
CA LEU B 208 7.45 11.26 -17.91
C LEU B 208 8.30 12.30 -17.23
N THR B 209 9.54 11.97 -16.91
CA THR B 209 10.42 12.95 -16.27
C THR B 209 11.80 13.01 -16.94
N ASN B 210 11.83 12.74 -18.24
CA ASN B 210 13.04 12.94 -19.02
C ASN B 210 13.41 14.41 -18.99
N PRO B 211 14.63 14.75 -18.52
CA PRO B 211 14.96 16.16 -18.28
C PRO B 211 14.96 17.04 -19.52
N ALA B 212 15.09 16.41 -20.69
CA ALA B 212 15.16 17.19 -21.92
C ALA B 212 13.77 17.47 -22.47
N ARG B 213 12.76 16.85 -21.86
CA ARG B 213 11.35 17.12 -22.20
C ARG B 213 11.03 16.98 -23.69
N PRO B 214 11.48 15.88 -24.33
CA PRO B 214 11.19 15.73 -25.76
C PRO B 214 9.69 15.63 -25.91
N ARG B 215 9.16 16.10 -27.03
CA ARG B 215 7.71 16.11 -27.25
C ARG B 215 7.21 14.88 -28.00
N ALA B 216 8.12 14.01 -28.39
CA ALA B 216 7.72 12.83 -29.11
C ALA B 216 8.46 11.61 -28.56
N GLY B 217 7.94 10.42 -28.82
CA GLY B 217 8.50 9.24 -28.19
C GLY B 217 7.86 7.93 -28.60
N LEU B 218 8.65 6.88 -28.53
CA LEU B 218 8.11 5.53 -28.54
C LEU B 218 8.33 5.04 -27.11
N ILE B 219 7.25 4.74 -26.41
CA ILE B 219 7.31 4.39 -24.98
C ILE B 219 6.73 3.00 -24.74
N GLY B 220 7.57 2.05 -24.33
CA GLY B 220 7.11 0.70 -24.08
C GLY B 220 6.71 0.49 -22.63
N CYS B 221 5.62 -0.21 -22.40
CA CYS B 221 5.16 -0.44 -21.03
C CYS B 221 4.82 -1.93 -20.88
N ALA B 222 5.43 -2.55 -19.87
CA ALA B 222 5.19 -3.96 -19.58
C ALA B 222 3.75 -4.12 -19.07
N PHE B 223 3.46 -3.36 -18.03
CA PHE B 223 2.19 -3.41 -17.32
C PHE B 223 1.09 -2.80 -18.20
N ALA B 224 0.43 -3.67 -18.96
CA ALA B 224 -0.58 -3.29 -19.96
C ALA B 224 -1.64 -2.28 -19.54
N ASP B 225 -1.96 -2.28 -18.25
CA ASP B 225 -3.06 -1.47 -17.71
C ASP B 225 -2.61 -0.02 -17.53
N LEU B 226 -1.39 0.14 -17.04
CA LEU B 226 -0.80 1.44 -16.79
C LEU B 226 -0.39 2.21 -18.06
N ALA B 227 -0.43 1.53 -19.21
CA ALA B 227 -0.02 2.12 -20.46
C ALA B 227 -1.10 3.05 -21.02
N GLU B 228 -2.36 2.76 -20.70
CA GLU B 228 -3.45 3.68 -21.01
C GLU B 228 -3.32 4.96 -20.18
N VAL B 229 -2.87 4.81 -18.94
CA VAL B 229 -2.68 5.92 -18.04
C VAL B 229 -1.47 6.78 -18.49
N MET B 230 -0.34 6.14 -18.79
CA MET B 230 0.83 6.82 -19.33
C MET B 230 0.47 7.66 -20.56
N ALA B 231 -0.32 7.07 -21.48
CA ALA B 231 -0.75 7.73 -22.70
C ALA B 231 -1.59 8.97 -22.41
N GLY B 232 -2.50 8.86 -21.44
CA GLY B 232 -3.28 10.03 -21.02
C GLY B 232 -2.41 11.16 -20.51
N VAL B 233 -1.29 10.86 -19.87
CA VAL B 233 -0.43 11.96 -19.44
C VAL B 233 0.20 12.66 -20.66
N PHE B 234 0.63 11.84 -21.63
CA PHE B 234 1.26 12.38 -22.88
C PHE B 234 0.27 13.21 -23.70
N ALA B 235 -1.00 12.78 -23.65
CA ALA B 235 -2.06 13.56 -24.28
C ALA B 235 -2.23 14.92 -23.60
N ALA B 236 -2.28 14.94 -22.26
CA ALA B 236 -2.40 16.20 -21.52
C ALA B 236 -1.27 17.14 -21.88
N ARG B 237 -0.09 16.56 -22.15
CA ARG B 237 1.09 17.34 -22.53
C ARG B 237 1.09 17.74 -24.00
N ARG B 238 0.10 17.28 -24.74
CA ARG B 238 0.07 17.50 -26.21
C ARG B 238 1.33 16.92 -26.90
N SER B 239 1.80 15.76 -26.41
CA SER B 239 2.92 15.04 -27.04
C SER B 239 2.48 14.15 -28.22
N SER B 240 3.44 13.80 -29.09
CA SER B 240 3.21 12.84 -30.18
C SER B 240 3.97 11.57 -29.82
N VAL B 241 3.26 10.60 -29.25
CA VAL B 241 3.86 9.39 -28.69
C VAL B 241 3.08 8.17 -29.12
N LEU B 242 3.81 7.07 -29.34
CA LEU B 242 3.21 5.75 -29.42
C LEU B 242 3.61 5.03 -28.16
N VAL B 243 2.62 4.75 -27.33
CA VAL B 243 2.86 3.95 -26.12
C VAL B 243 2.59 2.52 -26.56
N VAL B 244 3.49 1.63 -26.23
CA VAL B 244 3.39 0.31 -26.87
C VAL B 244 3.41 -0.84 -25.89
N HIS B 245 2.58 -1.84 -26.20
CA HIS B 245 2.50 -3.06 -25.38
C HIS B 245 2.51 -4.35 -26.21
N GLY B 246 3.55 -5.15 -26.02
CA GLY B 246 3.64 -6.46 -26.65
C GLY B 246 2.59 -7.33 -25.98
N ASP B 247 1.74 -7.93 -26.81
CA ASP B 247 0.70 -8.83 -26.31
C ASP B 247 1.29 -10.16 -25.80
N ASP B 248 2.61 -10.23 -25.76
CA ASP B 248 3.36 -11.34 -25.14
C ASP B 248 3.99 -10.92 -23.80
N GLY B 249 3.67 -9.70 -23.34
CA GLY B 249 4.19 -9.15 -22.09
C GLY B 249 5.44 -8.27 -22.19
N LEU B 250 5.97 -8.06 -23.39
CA LEU B 250 7.15 -7.18 -23.55
C LEU B 250 6.86 -5.69 -23.60
N ASP B 251 7.80 -4.89 -23.10
CA ASP B 251 7.71 -3.43 -23.12
C ASP B 251 8.35 -2.79 -24.39
N GLU B 252 8.31 -3.51 -25.50
CA GLU B 252 8.71 -2.97 -26.80
C GLU B 252 7.71 -3.50 -27.82
N LEU B 253 7.79 -3.02 -29.06
CA LEU B 253 7.01 -3.66 -30.11
C LEU B 253 7.65 -5.00 -30.44
N THR B 254 6.80 -6.00 -30.70
CA THR B 254 7.24 -7.40 -30.81
C THR B 254 7.15 -8.02 -32.22
N THR B 255 7.98 -9.02 -32.47
CA THR B 255 7.88 -9.79 -33.71
C THR B 255 7.26 -11.16 -33.44
N THR B 256 7.11 -11.48 -32.16
CA THR B 256 6.66 -12.80 -31.71
C THR B 256 5.14 -12.94 -31.82
N THR B 257 4.42 -11.84 -31.59
CA THR B 257 2.98 -11.74 -31.85
C THR B 257 2.53 -10.27 -32.05
N THR B 258 1.25 -9.99 -31.82
CA THR B 258 0.71 -8.64 -32.01
C THR B 258 1.02 -7.70 -30.84
N SER B 259 0.61 -6.43 -31.01
CA SER B 259 0.86 -5.43 -30.00
C SER B 259 -0.31 -4.47 -29.91
N THR B 260 -0.51 -3.92 -28.72
CA THR B 260 -1.47 -2.84 -28.54
C THR B 260 -0.71 -1.53 -28.62
N ILE B 261 -1.24 -0.57 -29.35
CA ILE B 261 -0.60 0.73 -29.42
C ILE B 261 -1.58 1.82 -29.04
N TRP B 262 -1.16 2.64 -28.07
CA TRP B 262 -1.87 3.86 -27.83
C TRP B 262 -1.20 4.96 -28.66
N ARG B 263 -1.91 5.45 -29.68
CA ARG B 263 -1.46 6.54 -30.52
C ARG B 263 -1.83 7.91 -29.94
N VAL B 264 -0.88 8.60 -29.32
CA VAL B 264 -1.16 9.92 -28.79
C VAL B 264 -0.78 11.02 -29.80
N ALA B 265 -1.75 11.85 -30.16
CA ALA B 265 -1.50 13.14 -30.85
C ALA B 265 -2.66 14.14 -30.71
N ALA B 266 -2.36 15.43 -30.84
CA ALA B 266 -3.35 16.50 -30.72
C ALA B 266 -4.31 16.33 -29.52
N GLY B 267 -3.75 16.09 -28.35
CA GLY B 267 -4.53 16.01 -27.11
C GLY B 267 -5.38 14.77 -26.92
N SER B 268 -5.39 13.85 -27.88
CA SER B 268 -6.20 12.61 -27.75
C SER B 268 -5.47 11.28 -28.04
N VAL B 269 -5.94 10.25 -27.32
CA VAL B 269 -5.49 8.88 -27.41
C VAL B 269 -6.53 8.09 -28.22
N ASP B 270 -6.03 7.12 -28.99
CA ASP B 270 -6.86 6.07 -29.59
C ASP B 270 -6.08 4.76 -29.65
N LYS B 271 -6.64 3.73 -29.02
CA LYS B 271 -6.06 2.40 -28.95
C LYS B 271 -6.21 1.66 -30.29
N LEU B 272 -5.16 0.95 -30.70
CA LEU B 272 -5.12 0.20 -31.96
C LEU B 272 -4.44 -1.16 -31.75
N THR B 273 -4.78 -2.15 -32.55
CA THR B 273 -4.02 -3.39 -32.54
C THR B 273 -2.93 -3.33 -33.62
N PHE B 274 -1.75 -3.84 -33.33
CA PHE B 274 -0.66 -3.76 -34.29
C PHE B 274 -0.12 -5.12 -34.60
N ASP B 275 -0.05 -5.43 -35.89
CA ASP B 275 0.45 -6.71 -36.36
C ASP B 275 1.58 -6.54 -37.36
N PRO B 276 2.80 -6.93 -36.95
CA PRO B 276 4.01 -6.83 -37.77
C PRO B 276 4.01 -7.72 -39.02
N ALA B 277 3.28 -8.85 -38.98
CA ALA B 277 3.09 -9.68 -40.19
C ALA B 277 2.53 -8.86 -41.36
N GLY B 278 1.64 -7.91 -41.04
CA GLY B 278 1.10 -6.96 -42.03
C GLY B 278 2.10 -6.02 -42.70
N PHE B 279 3.39 -6.20 -42.41
CA PHE B 279 4.50 -5.53 -43.12
C PHE B 279 5.51 -6.54 -43.64
N GLY B 280 5.21 -7.82 -43.45
CA GLY B 280 6.07 -8.88 -43.94
C GLY B 280 7.15 -9.36 -43.00
N PHE B 281 6.91 -9.24 -41.70
CA PHE B 281 7.83 -9.78 -40.70
C PHE B 281 7.44 -11.20 -40.31
N ALA B 282 8.44 -12.08 -40.22
CA ALA B 282 8.25 -13.44 -39.74
C ALA B 282 8.03 -13.44 -38.21
N ARG B 283 7.16 -14.35 -37.73
CA ARG B 283 6.94 -14.48 -36.29
C ARG B 283 8.21 -15.04 -35.65
N ALA B 284 8.59 -14.51 -34.50
CA ALA B 284 9.83 -14.95 -33.86
C ALA B 284 9.58 -15.70 -32.55
N GLN B 285 10.65 -16.23 -31.97
CA GLN B 285 10.60 -16.90 -30.67
C GLN B 285 11.24 -16.02 -29.61
N LEU B 286 10.74 -16.09 -28.37
CA LEU B 286 11.28 -15.28 -27.29
C LEU B 286 12.72 -15.63 -26.98
N ASP B 287 13.07 -16.89 -27.21
CA ASP B 287 14.43 -17.42 -27.01
C ASP B 287 15.49 -16.71 -27.91
N GLN B 288 15.00 -16.01 -28.94
CA GLN B 288 15.87 -15.39 -29.94
C GLN B 288 16.19 -13.92 -29.66
N LEU B 289 15.46 -13.32 -28.72
CA LEU B 289 15.71 -11.96 -28.26
C LEU B 289 16.44 -11.95 -26.90
N ALA B 290 16.77 -13.14 -26.39
CA ALA B 290 17.43 -13.32 -25.10
C ALA B 290 18.69 -12.48 -24.95
N GLY B 291 19.00 -12.11 -23.72
CA GLY B 291 20.17 -11.30 -23.45
C GLY B 291 21.00 -11.92 -22.36
N GLY B 292 21.84 -11.12 -21.73
CA GLY B 292 22.69 -11.57 -20.64
C GLY B 292 23.39 -10.35 -20.11
N ASP B 293 24.66 -10.54 -19.74
CA ASP B 293 25.48 -9.46 -19.19
C ASP B 293 25.69 -8.31 -20.21
N ALA B 294 26.18 -7.17 -19.71
CA ALA B 294 26.39 -5.98 -20.53
C ALA B 294 27.21 -6.27 -21.79
N GLN B 295 28.18 -7.18 -21.68
CA GLN B 295 29.09 -7.49 -22.78
C GLN B 295 28.46 -8.31 -23.91
N ALA B 296 27.67 -9.34 -23.55
CA ALA B 296 26.93 -10.11 -24.55
C ALA B 296 26.03 -9.16 -25.35
N ASN B 297 25.34 -8.26 -24.64
CA ASN B 297 24.41 -7.32 -25.28
C ASN B 297 25.07 -6.23 -26.11
N ALA B 298 26.31 -5.91 -25.77
CA ALA B 298 27.13 -4.99 -26.53
C ALA B 298 27.52 -5.69 -27.82
N ALA B 299 27.82 -6.99 -27.73
CA ALA B 299 28.08 -7.82 -28.93
C ALA B 299 26.85 -7.87 -29.86
N ALA B 300 25.65 -7.88 -29.29
CA ALA B 300 24.42 -7.93 -30.07
C ALA B 300 24.15 -6.59 -30.74
N VAL B 301 24.43 -5.50 -30.02
CA VAL B 301 24.33 -4.18 -30.62
C VAL B 301 25.27 -4.10 -31.83
N ARG B 302 26.55 -4.43 -31.63
CA ARG B 302 27.53 -4.37 -32.73
C ARG B 302 27.16 -5.24 -33.94
N ALA B 303 26.55 -6.40 -33.69
CA ALA B 303 26.12 -7.29 -34.75
C ALA B 303 25.03 -6.64 -35.59
N VAL B 304 23.95 -6.21 -34.93
CA VAL B 304 22.86 -5.52 -35.62
C VAL B 304 23.31 -4.25 -36.35
N LEU B 305 24.11 -3.41 -35.72
CA LEU B 305 24.54 -2.16 -36.41
C LEU B 305 25.44 -2.45 -37.61
N GLY B 306 26.21 -3.54 -37.52
CA GLY B 306 27.03 -4.05 -38.63
C GLY B 306 26.25 -4.78 -39.74
N GLY B 307 24.94 -4.89 -39.60
CA GLY B 307 24.08 -5.37 -40.68
C GLY B 307 23.57 -6.80 -40.51
N ALA B 308 23.91 -7.46 -39.40
CA ALA B 308 23.47 -8.85 -39.21
C ALA B 308 21.95 -8.92 -39.26
N ARG B 309 21.44 -9.89 -40.01
CA ARG B 309 20.01 -10.02 -40.19
C ARG B 309 19.47 -11.02 -39.19
N GLY B 310 18.20 -10.88 -38.86
CA GLY B 310 17.59 -11.78 -37.88
C GLY B 310 16.44 -11.16 -37.12
N PRO B 311 15.90 -11.89 -36.13
CA PRO B 311 14.76 -11.36 -35.39
C PRO B 311 15.16 -10.19 -34.47
N VAL B 312 16.40 -10.11 -34.02
CA VAL B 312 16.82 -8.96 -33.20
C VAL B 312 16.76 -7.66 -34.05
N ARG B 313 17.41 -7.69 -35.22
CA ARG B 313 17.29 -6.64 -36.24
C ARG B 313 15.83 -6.29 -36.55
N ASP B 314 15.04 -7.31 -36.86
CA ASP B 314 13.61 -7.10 -37.13
C ASP B 314 12.98 -6.25 -36.05
N ALA B 315 13.22 -6.65 -34.79
CA ALA B 315 12.67 -5.95 -33.63
C ALA B 315 13.20 -4.52 -33.47
N VAL B 316 14.51 -4.30 -33.66
CA VAL B 316 15.09 -2.95 -33.68
C VAL B 316 14.42 -1.99 -34.70
N VAL B 317 14.27 -2.50 -35.92
CA VAL B 317 13.74 -1.73 -37.05
C VAL B 317 12.30 -1.27 -36.76
N LEU B 318 11.58 -2.16 -36.10
CA LEU B 318 10.18 -1.99 -35.84
C LEU B 318 9.97 -0.90 -34.78
N ASN B 319 10.75 -0.98 -33.72
CA ASN B 319 10.71 0.01 -32.68
C ASN B 319 11.28 1.34 -33.11
N ALA B 320 12.40 1.31 -33.86
CA ALA B 320 12.90 2.52 -34.51
C ALA B 320 11.86 3.17 -35.43
N ALA B 321 11.16 2.36 -36.24
CA ALA B 321 10.05 2.88 -37.09
C ALA B 321 8.93 3.58 -36.27
N GLY B 322 8.48 2.93 -35.21
CA GLY B 322 7.47 3.54 -34.31
C GLY B 322 7.90 4.91 -33.83
N ALA B 323 9.15 5.04 -33.36
CA ALA B 323 9.65 6.34 -32.89
C ALA B 323 9.66 7.37 -34.01
N ILE B 324 10.06 6.92 -35.22
CA ILE B 324 10.02 7.77 -36.41
C ILE B 324 8.62 8.22 -36.75
N VAL B 325 7.69 7.28 -36.67
CA VAL B 325 6.27 7.60 -36.87
C VAL B 325 5.80 8.61 -35.81
N ALA B 326 6.17 8.38 -34.54
CA ALA B 326 5.87 9.37 -33.46
C ALA B 326 6.43 10.77 -33.80
N HIS B 327 7.70 10.78 -34.20
CA HIS B 327 8.34 12.01 -34.60
C HIS B 327 7.61 12.75 -35.70
N ALA B 328 7.19 11.99 -36.71
CA ALA B 328 6.39 12.53 -37.83
C ALA B 328 5.09 13.20 -37.34
N GLY B 329 4.46 12.61 -36.32
CA GLY B 329 3.27 13.17 -35.72
C GLY B 329 3.46 14.54 -35.10
N LEU B 330 4.69 15.01 -34.98
CA LEU B 330 4.87 16.38 -34.48
C LEU B 330 4.45 17.40 -35.53
N SER B 331 4.81 17.14 -36.79
CA SER B 331 4.52 18.07 -37.89
C SER B 331 3.11 17.92 -38.45
N SER B 332 2.74 16.72 -38.90
CA SER B 332 1.41 16.51 -39.46
C SER B 332 0.72 15.28 -38.89
N ARG B 333 -0.51 15.05 -39.34
CA ARG B 333 -1.08 13.71 -39.27
C ARG B 333 -0.93 13.11 -40.67
N ALA B 334 0.10 12.27 -40.82
CA ALA B 334 0.18 11.41 -41.98
C ALA B 334 -0.63 10.16 -41.67
N GLU B 335 -1.12 9.51 -42.71
CA GLU B 335 -1.86 8.28 -42.52
C GLU B 335 -0.91 7.21 -42.01
N TRP B 336 -1.50 6.32 -41.23
CA TRP B 336 -0.83 5.32 -40.43
C TRP B 336 0.09 4.41 -41.22
N LEU B 337 -0.44 3.75 -42.26
CA LEU B 337 0.33 2.65 -42.91
C LEU B 337 1.46 3.16 -43.79
N PRO B 338 1.23 4.27 -44.51
CA PRO B 338 2.35 4.91 -45.17
C PRO B 338 3.38 5.51 -44.23
N ALA B 339 2.96 6.07 -43.08
CA ALA B 339 3.92 6.54 -42.07
C ALA B 339 4.82 5.39 -41.64
N TRP B 340 4.21 4.26 -41.33
CA TRP B 340 4.95 3.07 -40.98
C TRP B 340 5.84 2.55 -42.10
N GLU B 341 5.32 2.53 -43.32
CA GLU B 341 6.11 2.16 -44.49
C GLU B 341 7.39 3.01 -44.59
N GLU B 342 7.29 4.32 -44.41
CA GLU B 342 8.44 5.23 -44.50
CA GLU B 342 8.48 5.16 -44.53
C GLU B 342 9.39 5.06 -43.30
N GLY B 343 8.79 4.90 -42.12
CA GLY B 343 9.59 4.71 -40.90
C GLY B 343 10.44 3.46 -40.99
N LEU B 344 9.83 2.35 -41.44
CA LEU B 344 10.53 1.09 -41.61
C LEU B 344 11.68 1.20 -42.60
N ARG B 345 11.43 1.88 -43.72
CA ARG B 345 12.47 2.06 -44.74
C ARG B 345 13.63 2.94 -44.20
N ARG B 346 13.28 4.03 -43.51
CA ARG B 346 14.28 4.94 -42.94
C ARG B 346 15.15 4.22 -41.91
N ALA B 347 14.52 3.38 -41.08
CA ALA B 347 15.24 2.54 -40.12
C ALA B 347 16.17 1.54 -40.76
N SER B 348 15.68 0.84 -41.80
CA SER B 348 16.50 -0.16 -42.46
C SER B 348 17.70 0.48 -43.13
N ALA B 349 17.44 1.57 -43.85
CA ALA B 349 18.48 2.34 -44.51
C ALA B 349 19.47 2.95 -43.49
N ALA B 350 18.99 3.38 -42.32
CA ALA B 350 19.94 3.88 -41.31
C ALA B 350 20.89 2.76 -40.97
N ILE B 351 20.41 1.53 -40.90
CA ILE B 351 21.35 0.42 -40.69
C ILE B 351 22.20 0.12 -41.92
N ASP B 352 21.57 -0.11 -43.06
CA ASP B 352 22.27 -0.66 -44.26
C ASP B 352 23.27 0.29 -44.97
N THR B 353 23.09 1.60 -44.83
CA THR B 353 24.07 2.59 -45.30
C THR B 353 25.31 2.64 -44.41
N GLY B 354 25.22 2.07 -43.21
CA GLY B 354 26.32 2.14 -42.22
C GLY B 354 26.16 3.33 -41.30
N ALA B 355 25.11 4.11 -41.49
CA ALA B 355 24.91 5.32 -40.72
C ALA B 355 24.76 4.99 -39.21
N ALA B 356 24.02 3.91 -38.88
CA ALA B 356 23.81 3.60 -37.47
C ALA B 356 25.13 3.20 -36.77
N GLU B 357 25.92 2.35 -37.41
CA GLU B 357 27.24 1.99 -36.87
C GLU B 357 28.14 3.22 -36.70
N GLN B 358 28.08 4.12 -37.67
CA GLN B 358 28.95 5.27 -37.71
C GLN B 358 28.49 6.30 -36.64
N LEU B 359 27.19 6.39 -36.43
CA LEU B 359 26.65 7.22 -35.34
C LEU B 359 27.14 6.73 -33.96
N LEU B 360 27.04 5.45 -33.68
CA LEU B 360 27.58 4.93 -32.42
C LEU B 360 29.07 5.29 -32.25
N ALA B 361 29.83 5.08 -33.32
CA ALA B 361 31.22 5.49 -33.35
C ALA B 361 31.45 6.99 -33.06
N ARG B 362 30.63 7.88 -33.64
CA ARG B 362 30.74 9.32 -33.33
C ARG B 362 30.39 9.66 -31.87
N TRP B 363 29.42 8.90 -31.32
CA TRP B 363 28.99 9.06 -29.92
C TRP B 363 30.13 8.72 -28.99
N VAL B 364 30.76 7.58 -29.27
CA VAL B 364 31.92 7.15 -28.51
C VAL B 364 33.08 8.14 -28.62
N ARG B 365 33.37 8.59 -29.84
CA ARG B 365 34.45 9.58 -30.07
C ARG B 365 34.21 10.87 -29.25
N PHE B 366 32.96 11.32 -29.27
CA PHE B 366 32.52 12.51 -28.55
C PHE B 366 32.83 12.38 -27.06
N GLY B 367 32.48 11.25 -26.46
CA GLY B 367 32.74 11.03 -25.04
C GLY B 367 34.23 11.03 -24.72
N ARG B 368 35.03 10.47 -25.64
CA ARG B 368 36.46 10.37 -25.43
C ARG B 368 37.13 11.73 -25.54
N GLN B 369 36.53 12.67 -26.29
CA GLN B 369 37.08 14.05 -26.44
C GLN B 369 36.92 14.93 -25.19
N ILE B 370 36.01 14.57 -24.30
CA ILE B 370 35.71 15.42 -23.12
C ILE B 370 36.93 15.55 -22.19
N LEU B 371 37.57 14.42 -21.91
CA LEU B 371 38.82 14.44 -21.16
C LEU B 371 39.74 15.63 -21.51
N ALA B 372 40.12 15.80 -22.78
CA ALA B 372 41.04 16.89 -23.16
C ALA B 372 40.38 18.27 -23.22
#